data_3DP0
#
_entry.id   3DP0
#
_cell.length_a   74.070
_cell.length_b   100.550
_cell.length_c   186.487
_cell.angle_alpha   90.000
_cell.angle_beta   90.000
_cell.angle_gamma   90.000
#
_symmetry.space_group_name_H-M   'P 21 21 21'
#
loop_
_entity.id
_entity.type
_entity.pdbx_description
1 polymer '(3R)-hydroxymyristoyl-acyl carrier protein dehydratase'
2 non-polymer 'CHLORIDE ION'
3 non-polymer BENZAMIDINE
4 non-polymer "N'-[(1E)-(3,5-dibromo-2,4-dihydroxyphenyl)methylidene]naphthalene-2-carbohydrazide"
5 water water
#
_entity_poly.entity_id   1
_entity_poly.type   'polypeptide(L)'
_entity_poly.pdbx_seq_one_letter_code
;MEQSHQNLQSQFFIEHILQILPHRYPMLLVDRITELQANQKIVAYKNITFNEDVFNGHFPNKPIFPGVLIVEGMAQSGGF
LAFTSLWGFDPEIAKTKIVYFMTIDKVKFRIPVTPGDRLEYHLEVLKHKGMIWQVGGTAQVDGKVVAEAELKAMIAERE
;
_entity_poly.pdbx_strand_id   A,B,C,D,E,F
#
loop_
_chem_comp.id
_chem_comp.type
_chem_comp.name
_chem_comp.formula
2BC non-polymer N'-[(1E)-(3,5-dibromo-2,4-dihydroxyphenyl)methylidene]naphthalene-2-carbohydrazide 'C18 H12 Br2 N2 O3'
BEN non-polymer BENZAMIDINE 'C7 H8 N2'
CL non-polymer 'CHLORIDE ION' 'Cl -1'
#
# COMPACT_ATOMS: atom_id res chain seq x y z
N LEU A 8 -26.74 8.19 -25.35
CA LEU A 8 -25.44 8.40 -24.63
C LEU A 8 -25.60 9.57 -23.64
N GLN A 9 -25.52 9.26 -22.35
CA GLN A 9 -25.64 10.30 -21.32
C GLN A 9 -24.51 11.34 -21.46
N SER A 10 -24.42 12.24 -20.47
CA SER A 10 -23.39 13.27 -20.42
C SER A 10 -22.87 13.31 -18.99
N GLN A 11 -23.52 12.53 -18.13
CA GLN A 11 -23.17 12.40 -16.71
C GLN A 11 -22.86 10.94 -16.40
N PHE A 12 -21.64 10.66 -15.93
CA PHE A 12 -21.23 9.31 -15.59
C PHE A 12 -20.51 9.32 -14.26
N PHE A 13 -20.86 8.38 -13.39
CA PHE A 13 -20.25 8.29 -12.08
C PHE A 13 -19.27 7.12 -12.02
N ILE A 14 -18.48 7.05 -10.96
CA ILE A 14 -17.46 6.04 -10.81
C ILE A 14 -17.83 4.62 -11.22
N GLU A 15 -19.05 4.18 -10.94
CA GLU A 15 -19.42 2.82 -11.32
C GLU A 15 -19.53 2.65 -12.84
N HIS A 16 -19.78 3.75 -13.54
CA HIS A 16 -19.87 3.71 -15.01
C HIS A 16 -18.48 3.79 -15.58
N ILE A 17 -17.63 4.60 -14.96
CA ILE A 17 -16.25 4.74 -15.40
C ILE A 17 -15.51 3.41 -15.27
N LEU A 18 -15.87 2.62 -14.25
CA LEU A 18 -15.24 1.32 -14.00
C LEU A 18 -15.61 0.27 -15.05
N GLN A 19 -16.75 0.45 -15.70
CA GLN A 19 -17.20 -0.49 -16.72
C GLN A 19 -16.63 -0.17 -18.09
N ILE A 20 -16.11 1.04 -18.23
CA ILE A 20 -15.55 1.49 -19.49
C ILE A 20 -14.02 1.47 -19.51
N LEU A 21 -13.38 1.95 -18.46
CA LEU A 21 -11.92 1.96 -18.42
C LEU A 21 -11.40 0.71 -17.72
N PRO A 22 -10.30 0.14 -18.23
CA PRO A 22 -9.71 -1.06 -17.64
C PRO A 22 -8.79 -0.70 -16.47
N HIS A 23 -8.48 0.59 -16.35
CA HIS A 23 -7.64 1.10 -15.27
C HIS A 23 -8.24 0.77 -13.90
N ARG A 24 -7.36 0.51 -12.95
CA ARG A 24 -7.79 0.19 -11.59
C ARG A 24 -6.76 0.76 -10.62
N TYR A 25 -7.03 0.68 -9.32
CA TYR A 25 -6.09 1.23 -8.34
C TYR A 25 -4.70 0.67 -8.60
N PRO A 26 -3.66 1.52 -8.55
CA PRO A 26 -3.71 2.96 -8.27
C PRO A 26 -3.47 3.80 -9.54
N MET A 27 -4.06 3.37 -10.65
CA MET A 27 -3.91 4.08 -11.92
C MET A 27 -5.23 4.53 -12.55
N LEU A 28 -6.33 4.41 -11.82
CA LEU A 28 -7.62 4.89 -12.33
C LEU A 28 -7.70 6.31 -11.79
N LEU A 29 -7.45 7.29 -12.66
CA LEU A 29 -7.40 8.69 -12.26
C LEU A 29 -8.52 9.63 -12.69
N VAL A 30 -9.74 9.10 -12.80
CA VAL A 30 -10.90 9.90 -13.17
C VAL A 30 -12.02 9.44 -12.22
N ASP A 31 -12.63 10.39 -11.51
CA ASP A 31 -13.69 10.05 -10.55
C ASP A 31 -15.11 10.28 -11.04
N ARG A 32 -15.27 11.19 -11.98
CA ARG A 32 -16.60 11.50 -12.47
C ARG A 32 -16.56 12.26 -13.78
N ILE A 33 -17.60 12.10 -14.58
CA ILE A 33 -17.71 12.76 -15.87
C ILE A 33 -18.93 13.68 -15.83
N THR A 34 -18.70 14.97 -15.90
CA THR A 34 -19.79 15.94 -15.84
C THR A 34 -20.38 16.35 -17.19
N GLU A 35 -19.56 16.32 -18.25
CA GLU A 35 -20.01 16.69 -19.59
C GLU A 35 -19.44 15.75 -20.63
N LEU A 36 -20.28 15.30 -21.55
CA LEU A 36 -19.81 14.42 -22.61
C LEU A 36 -20.59 14.66 -23.89
N GLN A 37 -19.86 15.04 -24.93
CA GLN A 37 -20.46 15.29 -26.25
C GLN A 37 -19.71 14.43 -27.26
N ALA A 38 -20.39 13.43 -27.81
CA ALA A 38 -19.79 12.52 -28.80
C ALA A 38 -18.93 13.21 -29.85
N ASN A 39 -17.78 12.59 -30.12
CA ASN A 39 -16.83 13.08 -31.12
C ASN A 39 -16.42 14.53 -30.97
N GLN A 40 -16.78 15.16 -29.86
CA GLN A 40 -16.43 16.56 -29.66
C GLN A 40 -15.66 16.84 -28.39
N LYS A 41 -16.29 16.61 -27.24
CA LYS A 41 -15.60 16.89 -25.99
C LYS A 41 -16.09 16.13 -24.77
N ILE A 42 -15.31 16.25 -23.70
CA ILE A 42 -15.62 15.63 -22.44
C ILE A 42 -15.07 16.49 -21.31
N VAL A 43 -15.83 16.59 -20.22
CA VAL A 43 -15.37 17.32 -19.06
C VAL A 43 -15.50 16.35 -17.91
N ALA A 44 -14.40 16.13 -17.20
CA ALA A 44 -14.37 15.21 -16.08
C ALA A 44 -13.43 15.74 -15.00
N TYR A 45 -13.36 15.03 -13.88
CA TYR A 45 -12.46 15.45 -12.82
C TYR A 45 -12.07 14.33 -11.89
N LYS A 46 -10.99 14.57 -11.15
CA LYS A 46 -10.50 13.63 -10.17
C LYS A 46 -10.24 14.43 -8.89
N ASN A 47 -10.78 13.96 -7.77
CA ASN A 47 -10.55 14.66 -6.51
C ASN A 47 -9.14 14.37 -6.04
N ILE A 48 -8.46 15.36 -5.49
CA ILE A 48 -7.12 15.15 -5.00
C ILE A 48 -7.16 15.23 -3.49
N THR A 49 -6.77 14.13 -2.84
CA THR A 49 -6.77 14.06 -1.39
C THR A 49 -5.43 13.63 -0.88
N PHE A 50 -5.10 14.02 0.35
CA PHE A 50 -3.83 13.64 0.95
C PHE A 50 -3.76 12.12 1.10
N ASN A 51 -4.92 11.49 1.27
CA ASN A 51 -5.02 10.06 1.45
C ASN A 51 -4.71 9.23 0.20
N GLU A 52 -3.71 9.64 -0.58
CA GLU A 52 -3.34 8.90 -1.78
C GLU A 52 -1.87 8.51 -1.64
N ASP A 53 -1.57 7.23 -1.83
CA ASP A 53 -0.21 6.72 -1.70
C ASP A 53 0.86 7.55 -2.42
N VAL A 54 0.52 8.09 -3.57
CA VAL A 54 1.46 8.87 -4.34
C VAL A 54 2.11 10.02 -3.55
N PHE A 55 1.39 10.58 -2.61
CA PHE A 55 1.94 11.68 -1.81
C PHE A 55 2.96 11.23 -0.77
N ASN A 56 3.06 9.93 -0.52
CA ASN A 56 4.05 9.47 0.42
C ASN A 56 5.42 9.82 -0.11
N GLY A 57 5.59 9.77 -1.43
CA GLY A 57 6.88 10.07 -2.00
C GLY A 57 6.97 11.23 -2.99
N HIS A 58 5.95 12.08 -3.03
CA HIS A 58 6.00 13.20 -3.96
C HIS A 58 5.18 14.38 -3.44
N PHE A 59 5.69 15.09 -2.43
CA PHE A 59 6.99 14.81 -1.80
C PHE A 59 6.82 14.80 -0.27
N PRO A 60 7.77 14.22 0.46
CA PRO A 60 7.63 14.21 1.92
C PRO A 60 7.46 15.63 2.44
N ASN A 61 6.45 15.85 3.30
CA ASN A 61 6.23 17.19 3.86
C ASN A 61 5.87 18.24 2.82
N LYS A 62 5.56 17.82 1.59
CA LYS A 62 5.25 18.78 0.54
C LYS A 62 4.53 18.06 -0.59
N PRO A 63 3.28 17.64 -0.35
CA PRO A 63 2.47 16.92 -1.33
C PRO A 63 2.09 17.72 -2.58
N ILE A 64 2.58 17.26 -3.73
CA ILE A 64 2.29 17.87 -5.03
C ILE A 64 1.83 16.72 -5.92
N PHE A 65 0.70 16.87 -6.59
CA PHE A 65 0.21 15.81 -7.46
C PHE A 65 1.09 15.76 -8.72
N PRO A 66 1.74 14.62 -8.98
CA PRO A 66 2.60 14.47 -10.16
C PRO A 66 2.03 14.98 -11.48
N GLY A 67 2.77 15.89 -12.12
CA GLY A 67 2.35 16.44 -13.39
C GLY A 67 2.08 15.37 -14.44
N VAL A 68 2.93 14.34 -14.50
CA VAL A 68 2.73 13.28 -15.46
C VAL A 68 1.40 12.56 -15.20
N LEU A 69 0.97 12.56 -13.95
CA LEU A 69 -0.29 11.91 -13.60
C LEU A 69 -1.50 12.76 -14.02
N ILE A 70 -1.30 14.08 -14.13
CA ILE A 70 -2.36 14.98 -14.57
C ILE A 70 -2.59 14.62 -16.04
N VAL A 71 -1.50 14.44 -16.75
CA VAL A 71 -1.54 14.09 -18.15
C VAL A 71 -2.30 12.78 -18.31
N GLU A 72 -1.92 11.79 -17.49
CA GLU A 72 -2.55 10.47 -17.51
C GLU A 72 -4.05 10.59 -17.32
N GLY A 73 -4.46 11.44 -16.38
CA GLY A 73 -5.86 11.64 -16.12
C GLY A 73 -6.55 12.28 -17.32
N MET A 74 -5.84 13.15 -18.03
CA MET A 74 -6.40 13.79 -19.21
C MET A 74 -6.58 12.77 -20.32
N ALA A 75 -5.57 11.90 -20.47
CA ALA A 75 -5.61 10.85 -21.48
C ALA A 75 -6.75 9.84 -21.23
N GLN A 76 -6.94 9.45 -19.98
CA GLN A 76 -8.00 8.50 -19.65
C GLN A 76 -9.35 9.10 -20.01
N SER A 77 -9.50 10.39 -19.75
CA SER A 77 -10.75 11.07 -20.07
C SER A 77 -10.91 11.01 -21.59
N GLY A 78 -9.90 11.46 -22.31
CA GLY A 78 -9.95 11.42 -23.76
C GLY A 78 -10.23 10.00 -24.24
N GLY A 79 -9.69 9.01 -23.54
CA GLY A 79 -9.91 7.62 -23.91
C GLY A 79 -11.36 7.21 -23.74
N PHE A 80 -11.97 7.65 -22.65
CA PHE A 80 -13.38 7.36 -22.37
C PHE A 80 -14.21 8.01 -23.47
N LEU A 81 -13.84 9.23 -23.81
CA LEU A 81 -14.54 9.98 -24.84
C LEU A 81 -14.47 9.23 -26.17
N ALA A 82 -13.27 8.75 -26.48
CA ALA A 82 -13.04 8.00 -27.71
C ALA A 82 -13.94 6.79 -27.79
N PHE A 83 -13.77 5.86 -26.85
CA PHE A 83 -14.57 4.64 -26.86
C PHE A 83 -16.07 4.91 -26.99
N THR A 84 -16.63 5.71 -26.08
CA THR A 84 -18.06 5.99 -26.09
C THR A 84 -18.56 6.72 -27.33
N SER A 85 -17.71 7.52 -27.95
CA SER A 85 -18.12 8.21 -29.17
C SER A 85 -18.39 7.19 -30.25
N LEU A 86 -17.70 6.06 -30.17
CA LEU A 86 -17.81 4.99 -31.14
C LEU A 86 -18.78 3.85 -30.83
N TRP A 87 -18.93 3.49 -29.57
CA TRP A 87 -19.82 2.38 -29.21
C TRP A 87 -20.87 2.74 -28.18
N GLY A 88 -20.81 3.95 -27.65
CA GLY A 88 -21.78 4.34 -26.63
C GLY A 88 -21.39 3.62 -25.36
N PHE A 89 -22.28 3.60 -24.36
CA PHE A 89 -21.98 2.93 -23.11
C PHE A 89 -22.16 1.43 -23.28
N ASP A 90 -21.14 0.78 -23.84
CA ASP A 90 -21.17 -0.66 -24.10
C ASP A 90 -20.10 -1.38 -23.29
N PRO A 91 -20.40 -1.71 -22.04
CA PRO A 91 -19.45 -2.41 -21.16
C PRO A 91 -18.91 -3.72 -21.73
N GLU A 92 -19.78 -4.49 -22.39
CA GLU A 92 -19.36 -5.77 -22.94
C GLU A 92 -18.24 -5.59 -23.97
N ILE A 93 -18.35 -4.56 -24.80
CA ILE A 93 -17.32 -4.31 -25.80
C ILE A 93 -16.08 -3.65 -25.20
N ALA A 94 -16.28 -2.69 -24.31
CA ALA A 94 -15.17 -2.00 -23.67
C ALA A 94 -14.19 -3.01 -23.10
N LYS A 95 -14.73 -4.11 -22.60
CA LYS A 95 -13.92 -5.16 -22.01
C LYS A 95 -12.97 -5.84 -22.99
N THR A 96 -13.10 -5.53 -24.27
CA THR A 96 -12.25 -6.14 -25.31
C THR A 96 -11.29 -5.15 -25.95
N LYS A 97 -11.52 -3.87 -25.70
CA LYS A 97 -10.67 -2.82 -26.24
C LYS A 97 -9.77 -2.21 -25.17
N ILE A 98 -8.75 -1.48 -25.60
CA ILE A 98 -7.82 -0.83 -24.68
C ILE A 98 -7.22 0.35 -25.43
N VAL A 99 -7.18 1.52 -24.81
CA VAL A 99 -6.63 2.71 -25.45
C VAL A 99 -5.17 2.89 -25.07
N TYR A 100 -4.32 3.19 -26.06
CA TYR A 100 -2.89 3.39 -25.79
C TYR A 100 -2.42 4.77 -26.26
N PHE A 101 -1.50 5.35 -25.50
CA PHE A 101 -0.87 6.64 -25.81
C PHE A 101 0.01 6.36 -27.00
N MET A 102 0.03 7.26 -27.97
CA MET A 102 0.93 7.07 -29.09
C MET A 102 1.93 8.22 -28.91
N THR A 103 1.38 9.41 -28.72
CA THR A 103 2.19 10.60 -28.54
C THR A 103 1.56 11.55 -27.54
N ILE A 104 2.38 12.48 -27.07
CA ILE A 104 1.98 13.54 -26.15
C ILE A 104 2.83 14.74 -26.58
N ASP A 105 2.21 15.90 -26.73
CA ASP A 105 2.93 17.11 -27.14
C ASP A 105 2.42 18.35 -26.45
N LYS A 106 3.19 19.43 -26.60
CA LYS A 106 2.82 20.71 -26.04
C LYS A 106 2.29 20.64 -24.61
N VAL A 107 2.91 19.82 -23.78
CA VAL A 107 2.48 19.72 -22.40
C VAL A 107 3.11 20.86 -21.63
N LYS A 108 2.32 21.54 -20.83
CA LYS A 108 2.84 22.63 -20.03
C LYS A 108 2.14 22.68 -18.68
N PHE A 109 2.93 22.65 -17.62
CA PHE A 109 2.41 22.71 -16.25
C PHE A 109 2.51 24.16 -15.77
N ARG A 110 1.40 24.73 -15.32
CA ARG A 110 1.38 26.12 -14.88
C ARG A 110 1.24 26.34 -13.39
N ILE A 111 0.45 25.51 -12.73
CA ILE A 111 0.21 25.65 -11.28
C ILE A 111 0.23 24.28 -10.59
N PRO A 112 0.88 24.20 -9.42
CA PRO A 112 0.92 22.90 -8.74
C PRO A 112 -0.43 22.44 -8.17
N VAL A 113 -0.68 21.14 -8.30
CA VAL A 113 -1.92 20.55 -7.81
C VAL A 113 -1.66 19.94 -6.44
N THR A 114 -2.55 20.22 -5.49
CA THR A 114 -2.38 19.71 -4.13
C THR A 114 -3.67 19.18 -3.51
N PRO A 115 -3.55 18.45 -2.38
CA PRO A 115 -4.73 17.91 -1.71
C PRO A 115 -5.77 18.99 -1.46
N GLY A 116 -7.02 18.66 -1.70
CA GLY A 116 -8.10 19.60 -1.51
C GLY A 116 -8.56 20.12 -2.85
N ASP A 117 -7.74 19.93 -3.87
CA ASP A 117 -8.05 20.39 -5.23
C ASP A 117 -8.96 19.44 -5.98
N ARG A 118 -9.78 20.03 -6.85
CA ARG A 118 -10.68 19.29 -7.71
C ARG A 118 -10.00 19.45 -9.07
N LEU A 119 -9.38 18.38 -9.56
CA LEU A 119 -8.67 18.44 -10.83
C LEU A 119 -9.60 18.18 -12.00
N GLU A 120 -10.05 19.25 -12.63
CA GLU A 120 -10.98 19.16 -13.75
C GLU A 120 -10.29 18.99 -15.10
N TYR A 121 -10.65 17.92 -15.81
CA TYR A 121 -10.09 17.63 -17.12
C TYR A 121 -11.02 18.17 -18.20
N HIS A 122 -10.46 18.93 -19.14
CA HIS A 122 -11.22 19.48 -20.25
C HIS A 122 -10.53 19.03 -21.52
N LEU A 123 -11.09 18.02 -22.18
CA LEU A 123 -10.49 17.53 -23.41
C LEU A 123 -11.42 17.75 -24.59
N GLU A 124 -10.85 18.13 -25.72
CA GLU A 124 -11.59 18.36 -26.95
C GLU A 124 -11.02 17.48 -28.07
N VAL A 125 -11.88 17.02 -28.98
CA VAL A 125 -11.45 16.18 -30.08
C VAL A 125 -10.87 17.00 -31.26
N LEU A 126 -9.55 16.94 -31.42
CA LEU A 126 -8.88 17.67 -32.49
C LEU A 126 -9.01 16.94 -33.83
N LYS A 127 -9.11 15.61 -33.78
CA LYS A 127 -9.23 14.82 -34.99
C LYS A 127 -9.47 13.34 -34.70
N HIS A 128 -10.24 12.68 -35.57
CA HIS A 128 -10.50 11.27 -35.37
C HIS A 128 -10.86 10.56 -36.68
N LYS A 129 -10.20 9.43 -36.90
CA LYS A 129 -10.43 8.62 -38.08
C LYS A 129 -10.27 7.17 -37.60
N GLY A 130 -11.40 6.47 -37.49
CA GLY A 130 -11.34 5.10 -37.04
C GLY A 130 -10.91 4.99 -35.59
N MET A 131 -9.92 4.13 -35.34
CA MET A 131 -9.43 3.89 -34.00
C MET A 131 -8.44 4.94 -33.52
N ILE A 132 -8.05 5.86 -34.40
CA ILE A 132 -7.08 6.89 -34.06
C ILE A 132 -7.71 8.24 -33.68
N TRP A 133 -7.39 8.68 -32.48
CA TRP A 133 -7.94 9.94 -31.95
C TRP A 133 -6.88 10.90 -31.44
N GLN A 134 -7.06 12.18 -31.73
CA GLN A 134 -6.15 13.22 -31.28
C GLN A 134 -6.97 14.20 -30.45
N VAL A 135 -6.66 14.28 -29.17
CA VAL A 135 -7.39 15.18 -28.29
C VAL A 135 -6.43 16.22 -27.74
N GLY A 136 -6.99 17.32 -27.25
CA GLY A 136 -6.20 18.37 -26.69
C GLY A 136 -7.04 19.07 -25.65
N GLY A 137 -6.39 19.70 -24.68
CA GLY A 137 -7.16 20.38 -23.65
C GLY A 137 -6.35 20.86 -22.48
N THR A 138 -7.04 21.07 -21.36
CA THR A 138 -6.40 21.57 -20.18
C THR A 138 -6.87 20.84 -18.94
N ALA A 139 -6.12 21.03 -17.86
CA ALA A 139 -6.43 20.48 -16.56
C ALA A 139 -6.67 21.75 -15.75
N GLN A 140 -7.82 21.84 -15.10
CA GLN A 140 -8.15 23.03 -14.34
C GLN A 140 -8.49 22.79 -12.88
N VAL A 141 -8.30 23.83 -12.08
CA VAL A 141 -8.61 23.81 -10.65
C VAL A 141 -9.24 25.17 -10.39
N ASP A 142 -10.53 25.17 -10.07
CA ASP A 142 -11.29 26.39 -9.81
C ASP A 142 -11.17 27.43 -10.94
N GLY A 143 -11.46 26.99 -12.16
CA GLY A 143 -11.43 27.90 -13.30
C GLY A 143 -10.05 28.27 -13.83
N LYS A 144 -9.01 28.03 -13.06
CA LYS A 144 -7.64 28.35 -13.48
C LYS A 144 -7.00 27.16 -14.20
N VAL A 145 -6.26 27.44 -15.25
CA VAL A 145 -5.58 26.38 -16.00
C VAL A 145 -4.31 26.01 -15.27
N VAL A 146 -4.17 24.74 -14.90
CA VAL A 146 -2.99 24.29 -14.19
C VAL A 146 -2.10 23.44 -15.10
N ALA A 147 -2.63 23.08 -16.27
CA ALA A 147 -1.88 22.28 -17.23
C ALA A 147 -2.59 22.19 -18.57
N GLU A 148 -1.79 22.04 -19.63
CA GLU A 148 -2.30 21.94 -21.01
C GLU A 148 -1.58 20.75 -21.67
N ALA A 149 -2.23 20.09 -22.62
CA ALA A 149 -1.59 18.97 -23.31
C ALA A 149 -2.37 18.49 -24.53
N GLU A 150 -1.66 17.82 -25.43
CA GLU A 150 -2.26 17.24 -26.62
C GLU A 150 -1.78 15.79 -26.66
N LEU A 151 -2.67 14.89 -27.00
CA LEU A 151 -2.32 13.48 -27.06
C LEU A 151 -2.96 12.85 -28.29
N LYS A 152 -2.30 11.83 -28.81
CA LYS A 152 -2.83 11.08 -29.93
C LYS A 152 -2.95 9.69 -29.34
N ALA A 153 -4.17 9.16 -29.34
CA ALA A 153 -4.42 7.84 -28.78
C ALA A 153 -4.81 6.82 -29.82
N MET A 154 -4.72 5.56 -29.44
CA MET A 154 -5.06 4.45 -30.30
C MET A 154 -5.96 3.48 -29.54
N ILE A 155 -7.07 3.09 -30.16
CA ILE A 155 -8.01 2.15 -29.58
C ILE A 155 -7.61 0.81 -30.16
N ALA A 156 -7.09 -0.07 -29.32
CA ALA A 156 -6.63 -1.36 -29.80
C ALA A 156 -7.34 -2.56 -29.18
N GLU A 157 -7.04 -3.72 -29.75
CA GLU A 157 -7.60 -4.96 -29.25
C GLU A 157 -6.87 -5.26 -27.95
N ARG A 158 -7.49 -6.01 -27.06
CA ARG A 158 -6.85 -6.33 -25.81
C ARG A 158 -6.30 -7.76 -25.86
N GLU A 159 -6.82 -8.57 -26.79
CA GLU A 159 -6.42 -9.98 -26.96
C GLU A 159 -6.51 -10.77 -25.65
N SER B 10 30.76 8.92 -12.03
CA SER B 10 29.84 8.51 -13.16
C SER B 10 28.91 7.34 -12.83
N GLN B 11 29.18 6.62 -11.75
CA GLN B 11 28.33 5.51 -11.32
C GLN B 11 27.72 5.87 -9.97
N PHE B 12 26.41 6.09 -9.93
CA PHE B 12 25.74 6.41 -8.69
C PHE B 12 24.72 5.33 -8.38
N PHE B 13 24.67 4.91 -7.12
CA PHE B 13 23.74 3.87 -6.73
C PHE B 13 22.57 4.49 -5.99
N ILE B 14 21.50 3.72 -5.81
CA ILE B 14 20.30 4.19 -5.15
C ILE B 14 20.54 5.09 -3.94
N GLU B 15 21.61 4.81 -3.19
CA GLU B 15 21.93 5.59 -1.99
C GLU B 15 22.36 7.01 -2.36
N HIS B 16 23.20 7.13 -3.39
CA HIS B 16 23.64 8.45 -3.82
C HIS B 16 22.44 9.19 -4.41
N ILE B 17 21.58 8.44 -5.10
CA ILE B 17 20.40 9.03 -5.72
C ILE B 17 19.46 9.58 -4.64
N LEU B 18 19.24 8.81 -3.58
CA LEU B 18 18.36 9.22 -2.49
C LEU B 18 18.80 10.53 -1.82
N GLN B 19 20.09 10.84 -1.90
CA GLN B 19 20.62 12.05 -1.29
C GLN B 19 20.44 13.30 -2.16
N ILE B 20 20.32 13.11 -3.47
CA ILE B 20 20.17 14.22 -4.39
C ILE B 20 18.70 14.52 -4.71
N LEU B 21 17.98 13.50 -5.16
CA LEU B 21 16.56 13.65 -5.48
C LEU B 21 15.69 13.64 -4.23
N PRO B 22 14.61 14.45 -4.21
CA PRO B 22 13.72 14.52 -3.06
C PRO B 22 12.61 13.45 -3.17
N HIS B 23 12.47 12.88 -4.36
CA HIS B 23 11.46 11.85 -4.60
C HIS B 23 11.69 10.62 -3.72
N ARG B 24 10.60 10.05 -3.24
CA ARG B 24 10.65 8.85 -2.40
C ARG B 24 9.56 7.90 -2.89
N TYR B 25 9.49 6.71 -2.30
CA TYR B 25 8.49 5.73 -2.70
C TYR B 25 7.06 6.27 -2.58
N PRO B 26 6.20 5.98 -3.56
CA PRO B 26 6.50 5.17 -4.74
C PRO B 26 6.68 6.05 -5.98
N MET B 27 7.45 7.12 -5.84
CA MET B 27 7.70 8.03 -6.94
C MET B 27 9.16 8.28 -7.32
N LEU B 28 10.09 7.50 -6.77
CA LEU B 28 11.51 7.62 -7.14
C LEU B 28 11.67 6.54 -8.19
N LEU B 29 11.73 6.96 -9.45
CA LEU B 29 11.81 6.03 -10.57
C LEU B 29 13.15 5.85 -11.28
N VAL B 30 14.24 6.03 -10.54
CA VAL B 30 15.59 5.85 -11.07
C VAL B 30 16.31 4.99 -10.04
N ASP B 31 16.85 3.84 -10.47
CA ASP B 31 17.56 2.95 -9.55
C ASP B 31 19.07 3.10 -9.55
N ARG B 32 19.65 3.38 -10.70
CA ARG B 32 21.10 3.52 -10.79
C ARG B 32 21.52 4.41 -11.95
N ILE B 33 22.64 5.11 -11.78
CA ILE B 33 23.17 5.98 -12.81
C ILE B 33 24.49 5.37 -13.29
N THR B 34 24.53 4.95 -14.55
CA THR B 34 25.72 4.31 -15.09
C THR B 34 26.70 5.26 -15.79
N GLU B 35 26.21 6.37 -16.33
CA GLU B 35 27.10 7.28 -17.03
C GLU B 35 26.66 8.74 -16.81
N LEU B 36 27.61 9.63 -16.60
CA LEU B 36 27.27 11.03 -16.38
C LEU B 36 28.38 11.96 -16.86
N GLN B 37 28.03 12.85 -17.80
CA GLN B 37 28.97 13.82 -18.34
C GLN B 37 28.35 15.18 -18.09
N ALA B 38 28.97 15.98 -17.22
CA ALA B 38 28.45 17.30 -16.88
C ALA B 38 28.09 18.19 -18.09
N ASN B 39 26.95 18.88 -17.97
CA ASN B 39 26.47 19.78 -19.02
C ASN B 39 26.27 19.06 -20.36
N GLN B 40 26.58 17.83 -20.49
CA GLN B 40 26.26 17.06 -21.68
C GLN B 40 25.24 15.92 -21.67
N LYS B 41 25.47 14.90 -20.87
CA LYS B 41 24.52 13.80 -20.87
C LYS B 41 24.57 12.84 -19.69
N ILE B 42 23.51 12.07 -19.57
CA ILE B 42 23.38 11.07 -18.52
C ILE B 42 22.75 9.80 -19.05
N VAL B 43 23.10 8.67 -18.44
CA VAL B 43 22.51 7.39 -18.79
C VAL B 43 22.24 6.69 -17.46
N ALA B 44 20.97 6.40 -17.20
CA ALA B 44 20.57 5.76 -15.97
C ALA B 44 19.47 4.76 -16.28
N TYR B 45 19.03 4.02 -15.26
CA TYR B 45 17.96 3.07 -15.48
C TYR B 45 17.17 2.74 -14.21
N LYS B 46 16.00 2.16 -14.44
CA LYS B 46 15.11 1.72 -13.40
C LYS B 46 14.72 0.30 -13.80
N ASN B 47 14.75 -0.62 -12.84
CA ASN B 47 14.36 -1.98 -13.12
C ASN B 47 12.84 -2.12 -13.05
N ILE B 48 12.27 -2.90 -13.96
CA ILE B 48 10.83 -3.11 -13.94
C ILE B 48 10.56 -4.52 -13.47
N THR B 49 9.83 -4.64 -12.37
CA THR B 49 9.51 -5.94 -11.80
C THR B 49 8.00 -5.99 -11.60
N PHE B 50 7.45 -7.19 -11.46
CA PHE B 50 6.02 -7.33 -11.22
C PHE B 50 5.65 -6.83 -9.82
N ASN B 51 6.61 -6.94 -8.92
CA ASN B 51 6.42 -6.55 -7.52
C ASN B 51 6.24 -5.06 -7.26
N GLU B 52 5.65 -4.35 -8.23
CA GLU B 52 5.43 -2.92 -8.04
C GLU B 52 3.94 -2.66 -7.96
N ASP B 53 3.53 -1.82 -7.02
CA ASP B 53 2.13 -1.52 -6.81
C ASP B 53 1.36 -1.04 -8.06
N VAL B 54 2.01 -0.26 -8.93
CA VAL B 54 1.34 0.23 -10.14
C VAL B 54 0.70 -0.87 -10.97
N PHE B 55 1.29 -2.05 -10.96
CA PHE B 55 0.77 -3.15 -11.76
C PHE B 55 -0.54 -3.74 -11.26
N ASN B 56 -1.02 -3.28 -10.11
CA ASN B 56 -2.28 -3.79 -9.62
C ASN B 56 -3.40 -3.20 -10.45
N GLY B 57 -3.15 -2.06 -11.09
CA GLY B 57 -4.20 -1.44 -11.89
C GLY B 57 -3.82 -1.02 -13.30
N HIS B 58 -2.63 -1.41 -13.74
CA HIS B 58 -2.20 -1.03 -15.07
C HIS B 58 -1.48 -2.15 -15.81
N PHE B 59 -2.21 -3.21 -16.16
CA PHE B 59 -3.62 -3.35 -15.87
C PHE B 59 -3.81 -4.75 -15.31
N PRO B 60 -4.91 -4.98 -14.57
CA PRO B 60 -5.11 -6.34 -14.04
C PRO B 60 -5.04 -7.38 -15.15
N ASN B 61 -4.22 -8.41 -14.95
CA ASN B 61 -4.05 -9.49 -15.92
C ASN B 61 -3.22 -9.12 -17.17
N LYS B 62 -2.75 -7.87 -17.25
CA LYS B 62 -1.85 -7.45 -18.34
C LYS B 62 -0.93 -6.34 -17.82
N PRO B 63 0.16 -6.71 -17.13
CA PRO B 63 1.09 -5.73 -16.59
C PRO B 63 1.89 -4.90 -17.61
N ILE B 64 1.65 -3.59 -17.61
CA ILE B 64 2.32 -2.68 -18.52
C ILE B 64 2.72 -1.40 -17.79
N PHE B 65 4.03 -1.15 -17.70
CA PHE B 65 4.52 0.04 -17.03
C PHE B 65 3.94 1.26 -17.75
N PRO B 66 3.35 2.19 -16.98
CA PRO B 66 2.75 3.39 -17.58
C PRO B 66 3.71 4.28 -18.38
N GLY B 67 3.27 4.69 -19.56
CA GLY B 67 4.10 5.57 -20.38
C GLY B 67 4.43 6.88 -19.68
N VAL B 68 3.48 7.43 -18.94
CA VAL B 68 3.74 8.69 -18.25
C VAL B 68 4.78 8.50 -17.16
N LEU B 69 4.94 7.26 -16.69
CA LEU B 69 5.93 6.99 -15.66
C LEU B 69 7.32 6.82 -16.28
N ILE B 70 7.35 6.52 -17.58
CA ILE B 70 8.60 6.38 -18.31
C ILE B 70 9.13 7.79 -18.48
N VAL B 71 8.23 8.73 -18.77
CA VAL B 71 8.59 10.13 -18.93
C VAL B 71 9.03 10.71 -17.60
N GLU B 72 8.39 10.29 -16.51
CA GLU B 72 8.74 10.76 -15.16
C GLU B 72 10.17 10.34 -14.82
N GLY B 73 10.53 9.12 -15.21
CA GLY B 73 11.87 8.62 -14.95
C GLY B 73 12.91 9.34 -15.78
N MET B 74 12.53 9.78 -16.97
CA MET B 74 13.44 10.52 -17.84
C MET B 74 13.62 11.91 -17.25
N ALA B 75 12.55 12.46 -16.69
CA ALA B 75 12.60 13.78 -16.08
C ALA B 75 13.54 13.75 -14.88
N GLN B 76 13.35 12.76 -14.01
CA GLN B 76 14.18 12.63 -12.83
C GLN B 76 15.64 12.47 -13.22
N SER B 77 15.90 11.70 -14.27
CA SER B 77 17.24 11.48 -14.75
C SER B 77 17.83 12.81 -15.22
N GLY B 78 17.01 13.55 -15.97
CA GLY B 78 17.44 14.84 -16.48
C GLY B 78 17.65 15.86 -15.38
N GLY B 79 16.72 15.88 -14.42
CA GLY B 79 16.86 16.81 -13.31
C GLY B 79 18.11 16.48 -12.53
N PHE B 80 18.44 15.20 -12.47
CA PHE B 80 19.64 14.76 -11.77
C PHE B 80 20.88 15.23 -12.53
N LEU B 81 20.81 15.16 -13.85
CA LEU B 81 21.90 15.58 -14.71
C LEU B 81 22.16 17.07 -14.57
N ALA B 82 21.10 17.86 -14.64
CA ALA B 82 21.21 19.30 -14.51
C ALA B 82 21.74 19.69 -13.14
N PHE B 83 21.18 19.10 -12.09
CA PHE B 83 21.64 19.44 -10.77
C PHE B 83 23.12 19.19 -10.56
N THR B 84 23.56 17.94 -10.72
CA THR B 84 24.97 17.63 -10.50
C THR B 84 25.92 18.39 -11.42
N SER B 85 25.44 18.76 -12.61
CA SER B 85 26.29 19.51 -13.55
C SER B 85 26.74 20.82 -12.92
N LEU B 86 25.83 21.46 -12.20
CA LEU B 86 26.10 22.74 -11.56
C LEU B 86 26.75 22.63 -10.18
N TRP B 87 26.33 21.67 -9.38
CA TRP B 87 26.85 21.53 -8.03
C TRP B 87 27.52 20.20 -7.68
N GLY B 88 27.55 19.27 -8.62
CA GLY B 88 28.17 17.97 -8.37
C GLY B 88 27.37 17.14 -7.38
N PHE B 89 28.01 16.17 -6.74
CA PHE B 89 27.31 15.36 -5.76
C PHE B 89 27.39 16.12 -4.44
N ASP B 90 26.35 16.89 -4.17
CA ASP B 90 26.29 17.71 -2.97
C ASP B 90 24.93 17.60 -2.28
N PRO B 91 24.81 16.68 -1.31
CA PRO B 91 23.56 16.49 -0.57
C PRO B 91 23.12 17.78 0.13
N GLU B 92 24.10 18.54 0.59
CA GLU B 92 23.83 19.80 1.29
C GLU B 92 22.99 20.72 0.42
N ILE B 93 23.59 21.22 -0.65
CA ILE B 93 22.91 22.13 -1.58
C ILE B 93 21.64 21.48 -2.13
N ALA B 94 21.69 20.18 -2.38
CA ALA B 94 20.55 19.46 -2.91
C ALA B 94 19.27 19.71 -2.12
N LYS B 95 19.37 19.83 -0.80
CA LYS B 95 18.18 20.05 0.02
C LYS B 95 17.62 21.47 -0.13
N THR B 96 18.45 22.40 -0.60
CA THR B 96 18.01 23.79 -0.75
C THR B 96 17.53 24.10 -2.18
N LYS B 97 17.42 23.08 -3.00
CA LYS B 97 16.99 23.26 -4.39
C LYS B 97 15.87 22.31 -4.82
N ILE B 98 15.09 22.75 -5.79
CA ILE B 98 14.04 21.92 -6.33
C ILE B 98 14.00 22.06 -7.84
N VAL B 99 14.00 20.93 -8.52
CA VAL B 99 13.94 20.92 -9.97
C VAL B 99 12.56 20.42 -10.35
N TYR B 100 11.74 21.30 -10.91
CA TYR B 100 10.41 20.91 -11.36
C TYR B 100 10.34 21.13 -12.87
N PHE B 101 9.45 20.42 -13.55
CA PHE B 101 9.36 20.56 -15.00
C PHE B 101 8.28 21.49 -15.51
N MET B 102 8.67 22.32 -16.46
CA MET B 102 7.78 23.30 -17.05
C MET B 102 7.01 22.77 -18.25
N THR B 103 7.74 22.17 -19.17
CA THR B 103 7.12 21.62 -20.37
C THR B 103 7.66 20.23 -20.64
N ILE B 104 6.98 19.54 -21.55
CA ILE B 104 7.33 18.21 -21.99
C ILE B 104 6.83 18.24 -23.43
N ASP B 105 7.56 17.63 -24.35
CA ASP B 105 7.14 17.67 -25.73
C ASP B 105 7.76 16.55 -26.56
N LYS B 106 7.27 16.39 -27.78
CA LYS B 106 7.76 15.38 -28.70
C LYS B 106 7.86 14.02 -28.04
N VAL B 107 6.82 13.62 -27.32
CA VAL B 107 6.85 12.32 -26.66
C VAL B 107 6.28 11.29 -27.63
N LYS B 108 6.90 10.12 -27.67
CA LYS B 108 6.45 9.04 -28.56
C LYS B 108 6.73 7.69 -27.92
N PHE B 109 5.69 6.89 -27.76
CA PHE B 109 5.87 5.56 -27.20
C PHE B 109 5.88 4.55 -28.35
N ARG B 110 6.95 3.76 -28.42
CA ARG B 110 7.09 2.79 -29.49
C ARG B 110 6.90 1.36 -29.05
N ILE B 111 7.37 1.02 -27.85
CA ILE B 111 7.25 -0.34 -27.35
C ILE B 111 6.80 -0.38 -25.89
N PRO B 112 5.96 -1.37 -25.54
CA PRO B 112 5.45 -1.54 -24.18
C PRO B 112 6.55 -2.04 -23.24
N VAL B 113 6.63 -1.47 -22.05
CA VAL B 113 7.63 -1.90 -21.08
C VAL B 113 6.93 -2.83 -20.09
N THR B 114 7.50 -4.00 -19.84
CA THR B 114 6.87 -4.95 -18.94
C THR B 114 7.79 -5.48 -17.86
N PRO B 115 7.24 -6.20 -16.87
CA PRO B 115 8.06 -6.76 -15.80
C PRO B 115 9.18 -7.63 -16.37
N GLY B 116 10.41 -7.35 -15.96
CA GLY B 116 11.56 -8.11 -16.43
C GLY B 116 12.49 -7.25 -17.25
N ASP B 117 12.02 -6.06 -17.61
CA ASP B 117 12.82 -5.14 -18.41
C ASP B 117 13.68 -4.22 -17.57
N ARG B 118 14.81 -3.84 -18.14
CA ARG B 118 15.73 -2.91 -17.53
C ARG B 118 15.48 -1.65 -18.35
N LEU B 119 14.68 -0.72 -17.82
CA LEU B 119 14.35 0.51 -18.53
C LEU B 119 15.47 1.55 -18.43
N GLU B 120 16.25 1.67 -19.50
CA GLU B 120 17.38 2.59 -19.57
C GLU B 120 17.06 4.00 -20.08
N TYR B 121 17.42 5.03 -19.32
CA TYR B 121 17.16 6.41 -19.72
C TYR B 121 18.41 7.03 -20.34
N HIS B 122 18.24 7.68 -21.49
CA HIS B 122 19.35 8.32 -22.18
C HIS B 122 18.97 9.79 -22.49
N LEU B 123 19.44 10.70 -21.67
CA LEU B 123 19.14 12.11 -21.84
C LEU B 123 20.40 12.91 -22.13
N GLU B 124 20.24 13.99 -22.86
CA GLU B 124 21.36 14.86 -23.18
C GLU B 124 20.86 16.29 -22.99
N VAL B 125 21.80 17.21 -22.83
CA VAL B 125 21.42 18.60 -22.64
C VAL B 125 21.28 19.29 -23.99
N LEU B 126 20.04 19.57 -24.40
CA LEU B 126 19.79 20.23 -25.68
C LEU B 126 20.30 21.67 -25.57
N LYS B 127 20.04 22.30 -24.42
CA LYS B 127 20.49 23.66 -24.15
C LYS B 127 20.10 24.08 -22.75
N HIS B 128 20.77 25.10 -22.24
CA HIS B 128 20.51 25.61 -20.91
C HIS B 128 20.93 27.06 -20.86
N LYS B 129 20.19 27.83 -20.08
CA LYS B 129 20.43 29.26 -19.92
C LYS B 129 20.04 29.57 -18.49
N GLY B 130 21.03 29.84 -17.64
CA GLY B 130 20.72 30.10 -16.26
C GLY B 130 20.20 28.85 -15.57
N MET B 131 19.03 28.95 -14.95
CA MET B 131 18.45 27.81 -14.24
C MET B 131 17.43 27.06 -15.06
N ILE B 132 17.33 27.40 -16.34
CA ILE B 132 16.37 26.72 -17.19
C ILE B 132 17.16 25.79 -18.10
N TRP B 133 16.91 24.48 -17.94
CA TRP B 133 17.60 23.45 -18.71
C TRP B 133 16.67 22.65 -19.59
N GLN B 134 17.09 22.40 -20.83
CA GLN B 134 16.31 21.62 -21.77
C GLN B 134 17.04 20.33 -22.13
N VAL B 135 16.42 19.21 -21.78
CA VAL B 135 17.02 17.91 -22.06
C VAL B 135 16.11 17.10 -22.97
N GLY B 136 16.69 16.08 -23.60
CA GLY B 136 15.91 15.24 -24.48
C GLY B 136 16.62 13.92 -24.68
N GLY B 137 15.90 12.93 -25.19
CA GLY B 137 16.53 11.64 -25.41
C GLY B 137 15.53 10.51 -25.55
N THR B 138 15.89 9.34 -25.06
CA THR B 138 15.03 8.19 -25.19
C THR B 138 15.03 7.25 -23.99
N ALA B 139 14.04 6.36 -23.98
CA ALA B 139 13.92 5.32 -22.97
C ALA B 139 14.24 4.08 -23.79
N GLN B 140 15.20 3.28 -23.33
CA GLN B 140 15.62 2.09 -24.06
C GLN B 140 15.58 0.80 -23.27
N VAL B 141 15.17 -0.27 -23.95
CA VAL B 141 15.11 -1.59 -23.35
C VAL B 141 15.85 -2.55 -24.24
N ASP B 142 16.98 -3.04 -23.76
CA ASP B 142 17.80 -3.97 -24.51
C ASP B 142 18.12 -3.47 -25.93
N GLY B 143 18.65 -2.26 -26.01
CA GLY B 143 19.01 -1.72 -27.31
C GLY B 143 17.94 -0.98 -28.10
N LYS B 144 16.69 -1.39 -27.98
CA LYS B 144 15.62 -0.71 -28.73
C LYS B 144 15.12 0.54 -28.02
N VAL B 145 14.60 1.47 -28.81
CA VAL B 145 14.03 2.70 -28.29
C VAL B 145 12.56 2.41 -27.97
N VAL B 146 12.19 2.43 -26.70
CA VAL B 146 10.80 2.16 -26.33
C VAL B 146 10.00 3.44 -26.22
N ALA B 147 10.70 4.56 -26.07
CA ALA B 147 10.05 5.86 -25.98
C ALA B 147 11.03 7.00 -26.21
N GLU B 148 10.51 8.20 -26.40
CA GLU B 148 11.35 9.38 -26.58
C GLU B 148 10.58 10.61 -26.11
N ALA B 149 11.32 11.64 -25.71
CA ALA B 149 10.70 12.84 -25.20
C ALA B 149 11.71 13.98 -25.03
N GLU B 150 11.19 15.20 -24.91
CA GLU B 150 11.99 16.38 -24.68
C GLU B 150 11.39 17.06 -23.44
N LEU B 151 12.23 17.57 -22.56
CA LEU B 151 11.72 18.22 -21.35
C LEU B 151 12.47 19.49 -21.02
N LYS B 152 11.76 20.43 -20.40
CA LYS B 152 12.38 21.68 -19.99
C LYS B 152 12.14 21.79 -18.49
N ALA B 153 13.21 21.81 -17.72
CA ALA B 153 13.09 21.90 -16.28
C ALA B 153 13.67 23.21 -15.82
N MET B 154 13.27 23.62 -14.61
CA MET B 154 13.79 24.83 -14.04
C MET B 154 14.21 24.56 -12.61
N ILE B 155 15.40 25.04 -12.25
CA ILE B 155 15.94 24.86 -10.92
C ILE B 155 15.65 26.09 -10.07
N ALA B 156 15.08 25.86 -8.89
CA ALA B 156 14.73 26.93 -7.98
C ALA B 156 15.13 26.64 -6.54
N GLU B 157 14.87 27.60 -5.65
CA GLU B 157 15.17 27.43 -4.22
C GLU B 157 14.00 26.74 -3.54
N ARG B 158 14.29 25.65 -2.81
CA ARG B 158 13.24 24.92 -2.11
C ARG B 158 12.50 25.95 -1.25
N GLU B 159 11.17 25.95 -1.33
CA GLU B 159 10.34 26.89 -0.57
C GLU B 159 8.90 26.85 -1.08
N GLN C 9 -23.46 -23.70 12.36
CA GLN C 9 -22.07 -23.87 12.93
C GLN C 9 -21.89 -22.95 14.14
N SER C 10 -20.72 -23.06 14.78
CA SER C 10 -20.39 -22.23 15.94
C SER C 10 -19.04 -21.53 15.73
N GLN C 11 -18.08 -22.21 15.08
CA GLN C 11 -16.77 -21.59 14.83
C GLN C 11 -16.44 -21.47 13.33
N PHE C 12 -16.16 -20.24 12.89
CA PHE C 12 -15.84 -20.00 11.49
C PHE C 12 -14.48 -19.31 11.34
N PHE C 13 -13.68 -19.80 10.41
CA PHE C 13 -12.37 -19.19 10.21
C PHE C 13 -12.38 -18.15 9.10
N ILE C 14 -11.23 -17.54 8.85
CA ILE C 14 -11.14 -16.50 7.85
C ILE C 14 -11.72 -16.94 6.51
N GLU C 15 -11.56 -18.22 6.21
CA GLU C 15 -12.08 -18.80 4.97
C GLU C 15 -13.59 -18.59 4.83
N HIS C 16 -14.32 -18.90 5.90
CA HIS C 16 -15.78 -18.76 5.89
C HIS C 16 -16.23 -17.31 5.98
N ILE C 17 -15.48 -16.49 6.71
CA ILE C 17 -15.80 -15.08 6.86
C ILE C 17 -15.71 -14.40 5.50
N LEU C 18 -14.82 -14.90 4.64
CA LEU C 18 -14.65 -14.34 3.32
C LEU C 18 -15.84 -14.64 2.40
N GLN C 19 -16.50 -15.77 2.62
CA GLN C 19 -17.62 -16.14 1.77
C GLN C 19 -18.93 -15.48 2.22
N ILE C 20 -18.95 -14.93 3.43
CA ILE C 20 -20.18 -14.30 3.91
C ILE C 20 -20.14 -12.77 3.88
N LEU C 21 -19.01 -12.18 4.26
CA LEU C 21 -18.92 -10.72 4.23
C LEU C 21 -18.34 -10.24 2.91
N PRO C 22 -18.77 -9.06 2.44
CA PRO C 22 -18.26 -8.51 1.18
C PRO C 22 -16.95 -7.75 1.40
N HIS C 23 -16.71 -7.34 2.65
CA HIS C 23 -15.50 -6.61 3.04
C HIS C 23 -14.21 -7.33 2.67
N ARG C 24 -13.26 -6.58 2.14
CA ARG C 24 -11.97 -7.12 1.76
C ARG C 24 -10.86 -6.22 2.30
N TYR C 25 -9.62 -6.54 1.99
CA TYR C 25 -8.50 -5.72 2.45
C TYR C 25 -8.56 -4.33 1.83
N PRO C 26 -8.30 -3.27 2.61
CA PRO C 26 -7.94 -3.17 4.02
C PRO C 26 -9.12 -2.88 4.97
N MET C 27 -10.27 -3.48 4.72
CA MET C 27 -11.42 -3.23 5.55
C MET C 27 -12.14 -4.46 6.14
N LEU C 28 -11.50 -5.63 6.05
CA LEU C 28 -12.07 -6.84 6.64
C LEU C 28 -11.45 -6.93 8.04
N LEU C 29 -12.22 -6.57 9.06
CA LEU C 29 -11.72 -6.53 10.43
C LEU C 29 -12.17 -7.61 11.40
N VAL C 30 -12.36 -8.82 10.89
CA VAL C 30 -12.75 -9.95 11.72
C VAL C 30 -11.95 -11.14 11.19
N ASP C 31 -11.07 -11.68 12.02
CA ASP C 31 -10.24 -12.81 11.62
C ASP C 31 -10.85 -14.17 11.87
N ARG C 32 -11.63 -14.28 12.92
CA ARG C 32 -12.22 -15.56 13.28
C ARG C 32 -13.43 -15.38 14.21
N ILE C 33 -14.31 -16.36 14.19
CA ILE C 33 -15.51 -16.34 15.02
C ILE C 33 -15.49 -17.54 15.93
N THR C 34 -15.49 -17.28 17.24
CA THR C 34 -15.43 -18.35 18.22
C THR C 34 -16.78 -18.78 18.82
N GLU C 35 -17.79 -17.93 18.69
CA GLU C 35 -19.13 -18.23 19.20
C GLU C 35 -20.23 -17.63 18.35
N LEU C 36 -21.28 -18.41 18.14
CA LEU C 36 -22.41 -17.94 17.36
C LEU C 36 -23.70 -18.62 17.79
N GLN C 37 -24.66 -17.80 18.20
CA GLN C 37 -25.96 -18.28 18.62
C GLN C 37 -26.98 -17.49 17.84
N ALA C 38 -27.58 -18.13 16.83
CA ALA C 38 -28.58 -17.47 16.01
C ALA C 38 -29.51 -16.57 16.84
N ASN C 39 -29.81 -15.39 16.30
CA ASN C 39 -30.69 -14.43 16.94
C ASN C 39 -30.33 -14.02 18.36
N GLN C 40 -29.11 -14.32 18.81
CA GLN C 40 -28.75 -13.95 20.16
C GLN C 40 -27.44 -13.20 20.34
N LYS C 41 -26.32 -13.87 20.09
CA LYS C 41 -25.04 -13.22 20.28
C LYS C 41 -23.90 -13.86 19.51
N ILE C 42 -22.83 -13.10 19.35
CA ILE C 42 -21.66 -13.57 18.64
C ILE C 42 -20.38 -13.14 19.34
N VAL C 43 -19.37 -14.00 19.28
CA VAL C 43 -18.07 -13.70 19.85
C VAL C 43 -17.05 -13.97 18.74
N ALA C 44 -16.30 -12.94 18.38
CA ALA C 44 -15.31 -13.09 17.33
C ALA C 44 -14.14 -12.19 17.67
N TYR C 45 -13.11 -12.23 16.85
CA TYR C 45 -11.97 -11.39 17.11
C TYR C 45 -11.11 -11.11 15.90
N LYS C 46 -10.24 -10.14 16.08
CA LYS C 46 -9.30 -9.72 15.08
C LYS C 46 -7.98 -9.52 15.81
N ASN C 47 -6.89 -10.03 15.25
CA ASN C 47 -5.58 -9.85 15.85
C ASN C 47 -5.09 -8.46 15.46
N ILE C 48 -4.35 -7.82 16.36
CA ILE C 48 -3.81 -6.50 16.11
C ILE C 48 -2.30 -6.64 16.04
N THR C 49 -1.74 -6.43 14.86
CA THR C 49 -0.29 -6.54 14.65
C THR C 49 0.27 -5.23 14.12
N PHE C 50 1.55 -4.97 14.35
CA PHE C 50 2.16 -3.74 13.86
C PHE C 50 2.20 -3.72 12.34
N ASN C 51 2.32 -4.89 11.75
CA ASN C 51 2.40 -5.04 10.31
C ASN C 51 1.09 -4.72 9.58
N GLU C 52 0.43 -3.65 10.00
CA GLU C 52 -0.82 -3.22 9.36
C GLU C 52 -0.58 -1.80 8.87
N ASP C 53 -1.09 -1.47 7.69
CA ASP C 53 -0.88 -0.15 7.09
C ASP C 53 -1.36 1.05 7.92
N VAL C 54 -2.52 0.92 8.59
CA VAL C 54 -3.03 2.02 9.41
C VAL C 54 -2.01 2.55 10.39
N PHE C 55 -1.17 1.67 10.91
CA PHE C 55 -0.18 2.09 11.88
C PHE C 55 0.90 3.02 11.31
N ASN C 56 0.93 3.19 9.99
CA ASN C 56 1.89 4.11 9.41
C ASN C 56 1.47 5.53 9.75
N GLY C 57 0.18 5.72 9.99
CA GLY C 57 -0.30 7.06 10.30
C GLY C 57 -1.08 7.27 11.58
N HIS C 58 -1.26 6.22 12.38
CA HIS C 58 -2.03 6.37 13.60
C HIS C 58 -1.40 5.59 14.77
N PHE C 59 -0.30 6.09 15.32
CA PHE C 59 0.37 7.32 14.90
C PHE C 59 1.86 7.01 14.77
N PRO C 60 2.62 7.84 14.04
CA PRO C 60 4.05 7.56 13.91
C PRO C 60 4.70 7.42 15.30
N ASN C 61 5.44 6.33 15.50
CA ASN C 61 6.13 6.07 16.77
C ASN C 61 5.21 5.72 17.95
N LYS C 62 3.90 5.85 17.74
CA LYS C 62 2.93 5.56 18.79
C LYS C 62 1.74 4.78 18.21
N PRO C 63 1.96 3.51 17.83
CA PRO C 63 0.89 2.69 17.24
C PRO C 63 -0.33 2.46 18.13
N ILE C 64 -1.47 2.98 17.69
CA ILE C 64 -2.72 2.85 18.41
C ILE C 64 -3.82 2.55 17.39
N PHE C 65 -4.44 1.38 17.52
CA PHE C 65 -5.51 0.98 16.62
C PHE C 65 -6.62 2.03 16.72
N PRO C 66 -7.08 2.57 15.58
CA PRO C 66 -8.13 3.59 15.61
C PRO C 66 -9.41 3.09 16.31
N GLY C 67 -9.98 3.96 17.15
CA GLY C 67 -11.21 3.64 17.85
C GLY C 67 -12.36 3.39 16.90
N VAL C 68 -12.46 4.16 15.82
CA VAL C 68 -13.54 3.97 14.84
C VAL C 68 -13.45 2.63 14.15
N LEU C 69 -12.25 2.07 14.04
CA LEU C 69 -12.09 0.78 13.39
C LEU C 69 -12.51 -0.33 14.33
N ILE C 70 -12.54 -0.05 15.63
CA ILE C 70 -13.00 -1.04 16.60
C ILE C 70 -14.52 -1.11 16.41
N VAL C 71 -15.15 0.05 16.39
CA VAL C 71 -16.59 0.15 16.19
C VAL C 71 -16.96 -0.54 14.88
N GLU C 72 -16.06 -0.44 13.90
CA GLU C 72 -16.29 -1.06 12.59
C GLU C 72 -16.22 -2.57 12.70
N GLY C 73 -15.21 -3.05 13.43
CA GLY C 73 -15.03 -4.48 13.60
C GLY C 73 -16.24 -5.04 14.31
N MET C 74 -16.76 -4.29 15.27
CA MET C 74 -17.93 -4.69 16.02
C MET C 74 -19.13 -4.73 15.08
N ALA C 75 -19.23 -3.74 14.19
CA ALA C 75 -20.32 -3.68 13.22
C ALA C 75 -20.25 -4.86 12.26
N GLN C 76 -19.05 -5.24 11.87
CA GLN C 76 -18.90 -6.37 10.97
C GLN C 76 -19.36 -7.65 11.64
N SER C 77 -19.05 -7.80 12.93
CA SER C 77 -19.45 -8.99 13.68
C SER C 77 -20.98 -9.05 13.79
N GLY C 78 -21.60 -7.93 14.12
CA GLY C 78 -23.05 -7.90 14.23
C GLY C 78 -23.68 -8.31 12.92
N GLY C 79 -23.13 -7.82 11.81
CA GLY C 79 -23.66 -8.15 10.51
C GLY C 79 -23.57 -9.61 10.16
N PHE C 80 -22.48 -10.27 10.54
CA PHE C 80 -22.30 -11.69 10.27
C PHE C 80 -23.34 -12.45 11.11
N LEU C 81 -23.61 -11.93 12.31
CA LEU C 81 -24.57 -12.52 13.23
C LEU C 81 -25.95 -12.44 12.60
N ALA C 82 -26.33 -11.25 12.18
CA ALA C 82 -27.62 -11.02 11.57
C ALA C 82 -27.77 -11.95 10.37
N PHE C 83 -26.87 -11.85 9.41
CA PHE C 83 -26.95 -12.68 8.22
C PHE C 83 -27.06 -14.16 8.52
N THR C 84 -26.13 -14.69 9.31
CA THR C 84 -26.16 -16.12 9.62
C THR C 84 -27.45 -16.53 10.31
N SER C 85 -28.02 -15.63 11.11
CA SER C 85 -29.27 -15.90 11.80
C SER C 85 -30.41 -16.13 10.81
N LEU C 86 -30.42 -15.35 9.73
CA LEU C 86 -31.45 -15.43 8.70
C LEU C 86 -31.35 -16.58 7.68
N TRP C 87 -30.13 -16.84 7.21
CA TRP C 87 -29.93 -17.88 6.20
C TRP C 87 -28.83 -18.87 6.52
N GLY C 88 -28.24 -18.76 7.70
CA GLY C 88 -27.16 -19.67 8.08
C GLY C 88 -25.93 -19.43 7.23
N PHE C 89 -25.01 -20.38 7.18
CA PHE C 89 -23.81 -20.21 6.36
C PHE C 89 -24.14 -20.48 4.89
N ASP C 90 -24.55 -19.44 4.19
CA ASP C 90 -24.93 -19.57 2.78
C ASP C 90 -24.17 -18.57 1.89
N PRO C 91 -22.99 -18.96 1.39
CA PRO C 91 -22.18 -18.09 0.54
C PRO C 91 -22.93 -17.52 -0.66
N GLU C 92 -23.85 -18.32 -1.20
CA GLU C 92 -24.60 -17.90 -2.38
C GLU C 92 -25.61 -16.78 -2.11
N ILE C 93 -26.43 -16.92 -1.07
CA ILE C 93 -27.39 -15.88 -0.73
C ILE C 93 -26.60 -14.66 -0.25
N ALA C 94 -25.44 -14.93 0.35
CA ALA C 94 -24.58 -13.87 0.86
C ALA C 94 -24.30 -12.83 -0.21
N LYS C 95 -23.91 -13.29 -1.39
CA LYS C 95 -23.59 -12.40 -2.52
C LYS C 95 -24.73 -11.50 -2.98
N THR C 96 -25.95 -11.76 -2.54
CA THR C 96 -27.11 -10.97 -2.97
C THR C 96 -27.70 -10.08 -1.88
N LYS C 97 -27.02 -9.99 -0.74
CA LYS C 97 -27.51 -9.19 0.39
C LYS C 97 -26.61 -8.04 0.81
N ILE C 98 -27.21 -7.03 1.45
CA ILE C 98 -26.48 -5.87 1.95
C ILE C 98 -26.85 -5.66 3.42
N VAL C 99 -25.95 -5.03 4.16
CA VAL C 99 -26.21 -4.72 5.57
C VAL C 99 -25.79 -3.26 5.77
N TYR C 100 -26.67 -2.30 5.47
CA TYR C 100 -26.33 -0.89 5.65
C TYR C 100 -26.40 -0.58 7.14
N PHE C 101 -25.42 0.14 7.66
CA PHE C 101 -25.48 0.52 9.07
C PHE C 101 -26.00 1.94 9.14
N MET C 102 -27.12 2.08 9.84
CA MET C 102 -27.80 3.35 9.97
C MET C 102 -27.35 4.24 11.11
N THR C 103 -27.17 3.66 12.29
CA THR C 103 -26.77 4.47 13.44
C THR C 103 -25.80 3.79 14.37
N ILE C 104 -25.16 4.62 15.20
CA ILE C 104 -24.21 4.18 16.20
C ILE C 104 -24.44 5.08 17.41
N ASP C 105 -24.52 4.50 18.61
CA ASP C 105 -24.73 5.27 19.82
C ASP C 105 -23.99 4.68 20.99
N LYS C 106 -23.95 5.44 22.07
CA LYS C 106 -23.33 5.02 23.32
C LYS C 106 -21.99 4.30 23.21
N VAL C 107 -21.06 4.83 22.43
CA VAL C 107 -19.76 4.20 22.33
C VAL C 107 -18.78 4.92 23.26
N LYS C 108 -18.09 4.13 24.07
CA LYS C 108 -17.11 4.63 25.02
C LYS C 108 -15.81 3.88 24.82
N PHE C 109 -14.69 4.58 24.90
CA PHE C 109 -13.39 3.94 24.76
C PHE C 109 -12.73 4.03 26.14
N ARG C 110 -12.28 2.89 26.66
CA ARG C 110 -11.67 2.87 27.99
C ARG C 110 -10.19 2.62 27.97
N ILE C 111 -9.72 1.72 27.11
CA ILE C 111 -8.31 1.40 27.04
C ILE C 111 -7.88 1.34 25.57
N PRO C 112 -6.74 1.96 25.24
CA PRO C 112 -6.25 1.94 23.86
C PRO C 112 -5.91 0.53 23.41
N VAL C 113 -6.05 0.26 22.12
CA VAL C 113 -5.74 -1.06 21.55
C VAL C 113 -4.43 -0.89 20.80
N THR C 114 -3.49 -1.82 21.01
CA THR C 114 -2.18 -1.71 20.38
C THR C 114 -1.66 -3.01 19.79
N PRO C 115 -0.59 -2.92 18.98
CA PRO C 115 -0.03 -4.13 18.37
C PRO C 115 0.23 -5.18 19.47
N GLY C 116 -0.19 -6.41 19.22
CA GLY C 116 0.01 -7.47 20.20
C GLY C 116 -1.27 -7.84 20.91
N ASP C 117 -2.31 -7.03 20.73
CA ASP C 117 -3.60 -7.28 21.36
C ASP C 117 -4.53 -8.16 20.53
N ARG C 118 -5.35 -8.93 21.23
CA ARG C 118 -6.34 -9.80 20.62
C ARG C 118 -7.68 -9.09 20.86
N LEU C 119 -8.19 -8.41 19.83
CA LEU C 119 -9.44 -7.66 19.95
C LEU C 119 -10.65 -8.55 19.76
N GLU C 120 -11.30 -8.88 20.89
CA GLU C 120 -12.45 -9.77 20.90
C GLU C 120 -13.77 -8.99 20.93
N TYR C 121 -14.59 -9.20 19.91
CA TYR C 121 -15.87 -8.52 19.79
C TYR C 121 -16.96 -9.34 20.45
N HIS C 122 -17.71 -8.70 21.33
CA HIS C 122 -18.81 -9.35 22.04
C HIS C 122 -20.09 -8.59 21.70
N LEU C 123 -20.93 -9.18 20.86
CA LEU C 123 -22.17 -8.53 20.46
C LEU C 123 -23.39 -9.43 20.60
N GLU C 124 -24.52 -8.80 20.95
CA GLU C 124 -25.79 -9.49 21.13
C GLU C 124 -26.91 -8.69 20.45
N VAL C 125 -27.98 -9.37 20.06
CA VAL C 125 -29.11 -8.71 19.42
C VAL C 125 -29.92 -7.96 20.48
N LEU C 126 -30.13 -6.66 20.27
CA LEU C 126 -30.90 -5.85 21.22
C LEU C 126 -32.32 -5.69 20.75
N LYS C 127 -32.54 -5.87 19.46
CA LYS C 127 -33.87 -5.74 18.89
C LYS C 127 -33.84 -6.12 17.41
N HIS C 128 -34.86 -6.84 16.98
CA HIS C 128 -34.95 -7.25 15.59
C HIS C 128 -36.40 -7.13 15.14
N LYS C 129 -36.65 -6.17 14.26
CA LYS C 129 -37.98 -5.95 13.73
C LYS C 129 -37.90 -5.81 12.22
N GLY C 130 -38.41 -6.82 11.53
CA GLY C 130 -38.40 -6.80 10.08
C GLY C 130 -36.99 -6.85 9.53
N MET C 131 -36.63 -5.83 8.77
CA MET C 131 -35.31 -5.77 8.18
C MET C 131 -34.32 -5.02 9.05
N ILE C 132 -34.79 -4.43 10.15
CA ILE C 132 -33.93 -3.67 11.03
C ILE C 132 -33.40 -4.46 12.22
N TRP C 133 -32.08 -4.50 12.35
CA TRP C 133 -31.45 -5.21 13.45
C TRP C 133 -30.70 -4.24 14.35
N GLN C 134 -30.89 -4.38 15.66
CA GLN C 134 -30.18 -3.50 16.57
C GLN C 134 -29.32 -4.33 17.49
N VAL C 135 -28.02 -4.10 17.41
CA VAL C 135 -27.06 -4.84 18.22
C VAL C 135 -26.22 -3.95 19.14
N GLY C 136 -25.72 -4.54 20.22
CA GLY C 136 -24.91 -3.79 21.15
C GLY C 136 -23.96 -4.76 21.82
N GLY C 137 -22.93 -4.22 22.48
CA GLY C 137 -21.98 -5.09 23.14
C GLY C 137 -20.67 -4.39 23.45
N THR C 138 -19.60 -5.16 23.55
CA THR C 138 -18.30 -4.60 23.85
C THR C 138 -17.17 -5.22 23.05
N ALA C 139 -16.02 -4.56 23.12
CA ALA C 139 -14.80 -5.03 22.49
C ALA C 139 -13.93 -5.34 23.70
N GLN C 140 -13.29 -6.50 23.71
CA GLN C 140 -12.47 -6.85 24.87
C GLN C 140 -11.08 -7.35 24.54
N VAL C 141 -10.12 -6.99 25.38
CA VAL C 141 -8.75 -7.44 25.20
C VAL C 141 -8.36 -8.09 26.50
N ASP C 142 -8.16 -9.41 26.45
CA ASP C 142 -7.76 -10.16 27.63
C ASP C 142 -8.73 -10.09 28.82
N GLY C 143 -10.04 -10.17 28.55
CA GLY C 143 -11.02 -10.14 29.60
C GLY C 143 -11.46 -8.75 30.06
N LYS C 144 -10.79 -7.71 29.58
CA LYS C 144 -11.14 -6.35 29.97
C LYS C 144 -11.86 -5.61 28.84
N VAL C 145 -12.87 -4.82 29.20
CA VAL C 145 -13.64 -4.04 28.24
C VAL C 145 -12.84 -2.80 27.85
N VAL C 146 -12.54 -2.70 26.56
CA VAL C 146 -11.78 -1.56 26.03
C VAL C 146 -12.69 -0.58 25.29
N ALA C 147 -13.88 -1.05 24.93
CA ALA C 147 -14.84 -0.22 24.23
C ALA C 147 -16.21 -0.89 24.20
N GLU C 148 -17.26 -0.07 24.16
CA GLU C 148 -18.61 -0.57 24.09
C GLU C 148 -19.32 0.32 23.06
N ALA C 149 -20.41 -0.17 22.50
CA ALA C 149 -21.16 0.61 21.50
C ALA C 149 -22.45 -0.07 21.07
N GLU C 150 -23.35 0.74 20.52
CA GLU C 150 -24.63 0.24 20.02
C GLU C 150 -24.69 0.53 18.54
N LEU C 151 -25.30 -0.39 17.79
CA LEU C 151 -25.41 -0.23 16.34
C LEU C 151 -26.76 -0.69 15.80
N LYS C 152 -27.18 -0.11 14.69
CA LYS C 152 -28.43 -0.50 14.06
C LYS C 152 -28.18 -0.62 12.57
N ALA C 153 -28.46 -1.81 12.02
CA ALA C 153 -28.27 -2.06 10.60
C ALA C 153 -29.59 -2.43 9.95
N MET C 154 -29.60 -2.39 8.62
CA MET C 154 -30.79 -2.75 7.85
C MET C 154 -30.36 -3.79 6.82
N ILE C 155 -31.15 -4.86 6.70
CA ILE C 155 -30.84 -5.90 5.72
C ILE C 155 -31.57 -5.55 4.44
N ALA C 156 -30.84 -5.59 3.33
CA ALA C 156 -31.45 -5.24 2.05
C ALA C 156 -30.89 -6.09 0.92
N GLU C 157 -31.43 -5.89 -0.27
CA GLU C 157 -31.01 -6.60 -1.47
C GLU C 157 -29.82 -5.87 -2.08
N ARG C 158 -28.74 -6.58 -2.38
CA ARG C 158 -27.60 -5.91 -3.00
C ARG C 158 -28.09 -5.42 -4.36
N GLU C 159 -27.25 -4.72 -5.09
CA GLU C 159 -27.69 -4.21 -6.37
C GLU C 159 -26.67 -4.40 -7.48
N LEU D 8 -4.37 34.28 14.48
CA LEU D 8 -4.91 32.97 13.99
C LEU D 8 -5.92 33.22 12.88
N GLN D 9 -5.60 32.76 11.66
CA GLN D 9 -6.48 32.94 10.52
C GLN D 9 -7.65 31.96 10.52
N SER D 10 -8.27 31.79 9.35
CA SER D 10 -9.41 30.89 9.20
C SER D 10 -9.29 29.95 8.00
N GLN D 11 -8.19 30.03 7.26
CA GLN D 11 -7.96 29.16 6.12
C GLN D 11 -6.60 28.48 6.26
N PHE D 12 -6.61 27.16 6.31
CA PHE D 12 -5.37 26.40 6.43
C PHE D 12 -5.38 25.31 5.39
N PHE D 13 -4.22 25.06 4.79
CA PHE D 13 -4.11 24.04 3.77
C PHE D 13 -3.39 22.82 4.31
N ILE D 14 -3.35 21.76 3.52
CA ILE D 14 -2.72 20.51 3.95
C ILE D 14 -1.37 20.73 4.64
N GLU D 15 -0.61 21.71 4.14
CA GLU D 15 0.71 22.02 4.72
C GLU D 15 0.60 22.43 6.19
N HIS D 16 -0.46 23.16 6.53
CA HIS D 16 -0.65 23.59 7.91
C HIS D 16 -1.21 22.45 8.75
N ILE D 17 -2.19 21.73 8.20
CA ILE D 17 -2.80 20.61 8.90
C ILE D 17 -1.74 19.58 9.27
N LEU D 18 -0.73 19.46 8.42
CA LEU D 18 0.36 18.53 8.63
C LEU D 18 1.18 18.91 9.86
N GLN D 19 1.35 20.21 10.07
CA GLN D 19 2.12 20.71 11.21
C GLN D 19 1.35 20.73 12.52
N ILE D 20 0.04 20.56 12.46
CA ILE D 20 -0.79 20.55 13.65
C ILE D 20 -1.31 19.18 14.05
N LEU D 21 -1.99 18.48 13.14
CA LEU D 21 -2.50 17.15 13.47
C LEU D 21 -1.39 16.13 13.41
N PRO D 22 -1.43 15.11 14.28
CA PRO D 22 -0.41 14.06 14.32
C PRO D 22 -0.70 12.89 13.37
N HIS D 23 -1.88 12.91 12.76
CA HIS D 23 -2.27 11.84 11.84
C HIS D 23 -1.52 11.85 10.53
N ARG D 24 -1.13 10.66 10.07
CA ARG D 24 -0.44 10.55 8.80
C ARG D 24 -1.11 9.50 7.93
N TYR D 25 -0.63 9.35 6.71
CA TYR D 25 -1.18 8.37 5.78
C TYR D 25 -1.13 7.00 6.43
N PRO D 26 -2.19 6.19 6.30
CA PRO D 26 -3.44 6.46 5.58
C PRO D 26 -4.55 6.84 6.57
N MET D 27 -4.23 7.71 7.52
CA MET D 27 -5.23 8.11 8.49
C MET D 27 -5.45 9.60 8.68
N LEU D 28 -4.83 10.43 7.85
CA LEU D 28 -5.06 11.86 7.93
C LEU D 28 -6.23 12.07 6.97
N LEU D 29 -7.42 12.34 7.52
CA LEU D 29 -8.60 12.48 6.68
C LEU D 29 -9.21 13.87 6.55
N VAL D 30 -8.38 14.90 6.63
CA VAL D 30 -8.84 16.27 6.48
C VAL D 30 -7.86 16.91 5.51
N ASP D 31 -8.35 17.42 4.38
CA ASP D 31 -7.46 18.03 3.41
C ASP D 31 -7.31 19.53 3.54
N ARG D 32 -8.35 20.22 3.98
CA ARG D 32 -8.28 21.67 4.07
C ARG D 32 -9.29 22.21 5.08
N ILE D 33 -8.91 23.27 5.80
CA ILE D 33 -9.79 23.90 6.78
C ILE D 33 -10.30 25.17 6.10
N THR D 34 -11.61 25.30 5.91
CA THR D 34 -12.13 26.49 5.23
C THR D 34 -12.64 27.58 6.15
N GLU D 35 -12.95 27.23 7.39
CA GLU D 35 -13.47 28.21 8.34
C GLU D 35 -13.16 27.80 9.77
N LEU D 36 -12.80 28.77 10.60
CA LEU D 36 -12.49 28.44 11.98
C LEU D 36 -12.72 29.57 12.97
N GLN D 37 -13.47 29.26 14.02
CA GLN D 37 -13.77 30.21 15.10
C GLN D 37 -13.31 29.59 16.40
N ALA D 38 -12.21 30.11 16.96
CA ALA D 38 -11.67 29.57 18.21
C ALA D 38 -12.78 29.27 19.23
N ASN D 39 -12.71 28.07 19.79
CA ASN D 39 -13.64 27.59 20.82
C ASN D 39 -15.11 27.55 20.41
N GLN D 40 -15.41 27.72 19.13
CA GLN D 40 -16.80 27.70 18.70
C GLN D 40 -17.12 26.74 17.55
N LYS D 41 -16.51 26.97 16.39
CA LYS D 41 -16.81 26.11 15.26
C LYS D 41 -15.74 26.02 14.20
N ILE D 42 -15.89 25.02 13.34
CA ILE D 42 -14.94 24.81 12.27
C ILE D 42 -15.63 24.12 11.08
N VAL D 43 -15.15 24.43 9.88
CA VAL D 43 -15.65 23.83 8.66
C VAL D 43 -14.42 23.45 7.85
N ALA D 44 -14.29 22.16 7.55
CA ALA D 44 -13.17 21.65 6.79
C ALA D 44 -13.74 20.64 5.80
N TYR D 45 -12.88 19.98 5.04
CA TYR D 45 -13.36 18.97 4.11
C TYR D 45 -12.24 18.05 3.65
N LYS D 46 -12.64 16.89 3.16
CA LYS D 46 -11.71 15.91 2.65
C LYS D 46 -12.23 15.50 1.29
N ASN D 47 -11.39 15.55 0.26
CA ASN D 47 -11.84 15.14 -1.06
C ASN D 47 -11.84 13.62 -1.11
N ILE D 48 -12.89 13.04 -1.69
CA ILE D 48 -12.99 11.60 -1.81
C ILE D 48 -12.67 11.20 -3.25
N THR D 49 -11.64 10.37 -3.42
CA THR D 49 -11.25 9.93 -4.76
C THR D 49 -11.16 8.41 -4.80
N PHE D 50 -11.30 7.84 -5.99
CA PHE D 50 -11.22 6.40 -6.15
C PHE D 50 -9.82 5.93 -5.79
N ASN D 51 -8.83 6.76 -6.08
CA ASN D 51 -7.43 6.46 -5.83
C ASN D 51 -7.04 6.32 -4.36
N GLU D 52 -7.94 5.80 -3.54
CA GLU D 52 -7.65 5.60 -2.13
C GLU D 52 -7.66 4.11 -1.82
N ASP D 53 -6.60 3.63 -1.20
CA ASP D 53 -6.44 2.21 -0.87
C ASP D 53 -7.63 1.59 -0.18
N VAL D 54 -8.28 2.35 0.71
CA VAL D 54 -9.44 1.86 1.44
C VAL D 54 -10.54 1.32 0.55
N PHE D 55 -10.63 1.82 -0.68
CA PHE D 55 -11.67 1.37 -1.61
C PHE D 55 -11.40 0.01 -2.21
N ASN D 56 -10.20 -0.52 -2.04
CA ASN D 56 -9.88 -1.84 -2.56
C ASN D 56 -10.74 -2.88 -1.83
N GLY D 57 -11.20 -2.54 -0.64
CA GLY D 57 -12.02 -3.47 0.12
C GLY D 57 -13.36 -2.97 0.63
N HIS D 58 -13.77 -1.77 0.24
CA HIS D 58 -15.03 -1.24 0.73
C HIS D 58 -15.79 -0.43 -0.33
N PHE D 59 -16.31 -1.09 -1.38
CA PHE D 59 -16.20 -2.53 -1.58
C PHE D 59 -15.87 -2.81 -3.03
N PRO D 60 -15.39 -4.02 -3.33
CA PRO D 60 -15.03 -4.40 -4.70
C PRO D 60 -16.15 -4.07 -5.69
N ASN D 61 -15.78 -3.32 -6.72
CA ASN D 61 -16.72 -2.90 -7.78
C ASN D 61 -17.86 -2.03 -7.26
N LYS D 62 -17.72 -1.50 -6.04
CA LYS D 62 -18.75 -0.66 -5.45
C LYS D 62 -18.11 0.23 -4.39
N PRO D 63 -17.31 1.22 -4.81
CA PRO D 63 -16.65 2.10 -3.85
C PRO D 63 -17.60 2.92 -2.99
N ILE D 64 -17.43 2.82 -1.68
CA ILE D 64 -18.25 3.53 -0.71
C ILE D 64 -17.37 3.91 0.48
N PHE D 65 -17.27 5.19 0.77
CA PHE D 65 -16.45 5.66 1.88
C PHE D 65 -17.03 5.16 3.21
N PRO D 66 -16.22 4.44 4.01
CA PRO D 66 -16.64 3.91 5.31
C PRO D 66 -17.27 4.93 6.23
N GLY D 67 -18.46 4.60 6.74
CA GLY D 67 -19.16 5.50 7.65
C GLY D 67 -18.30 5.88 8.84
N VAL D 68 -17.65 4.89 9.46
CA VAL D 68 -16.80 5.12 10.61
C VAL D 68 -15.65 6.08 10.29
N LEU D 69 -15.18 6.06 9.04
CA LEU D 69 -14.11 6.96 8.64
C LEU D 69 -14.62 8.39 8.52
N ILE D 70 -15.91 8.57 8.23
CA ILE D 70 -16.49 9.91 8.15
C ILE D 70 -16.47 10.51 9.56
N VAL D 71 -16.76 9.68 10.55
CA VAL D 71 -16.76 10.12 11.94
C VAL D 71 -15.32 10.50 12.29
N GLU D 72 -14.39 9.65 11.88
CA GLU D 72 -12.97 9.88 12.15
C GLU D 72 -12.55 11.25 11.59
N GLY D 73 -13.04 11.58 10.41
CA GLY D 73 -12.70 12.86 9.80
C GLY D 73 -13.28 14.03 10.56
N MET D 74 -14.48 13.84 11.11
CA MET D 74 -15.13 14.89 11.89
C MET D 74 -14.34 15.06 13.18
N ALA D 75 -13.85 13.96 13.71
CA ALA D 75 -13.05 13.99 14.94
C ALA D 75 -11.76 14.78 14.72
N GLN D 76 -11.11 14.55 13.57
CA GLN D 76 -9.86 15.23 13.24
C GLN D 76 -10.09 16.73 13.05
N SER D 77 -11.25 17.09 12.53
CA SER D 77 -11.58 18.50 12.36
C SER D 77 -11.71 19.11 13.75
N GLY D 78 -12.42 18.41 14.62
CA GLY D 78 -12.58 18.87 15.98
C GLY D 78 -11.23 19.04 16.64
N GLY D 79 -10.38 18.03 16.51
CA GLY D 79 -9.06 18.08 17.11
C GLY D 79 -8.25 19.28 16.66
N PHE D 80 -8.41 19.66 15.39
CA PHE D 80 -7.68 20.80 14.85
C PHE D 80 -8.18 22.09 15.48
N LEU D 81 -9.50 22.18 15.65
CA LEU D 81 -10.12 23.35 16.26
C LEU D 81 -9.67 23.44 17.70
N ALA D 82 -9.79 22.31 18.39
CA ALA D 82 -9.41 22.21 19.78
C ALA D 82 -8.00 22.72 19.99
N PHE D 83 -7.06 22.19 19.22
CA PHE D 83 -5.67 22.58 19.37
C PHE D 83 -5.36 24.04 19.10
N THR D 84 -5.80 24.57 17.95
CA THR D 84 -5.53 25.97 17.61
C THR D 84 -6.22 26.94 18.57
N SER D 85 -7.26 26.46 19.25
CA SER D 85 -7.99 27.27 20.22
C SER D 85 -7.12 27.48 21.44
N LEU D 86 -6.37 26.46 21.80
CA LEU D 86 -5.50 26.49 22.97
C LEU D 86 -4.08 26.98 22.78
N TRP D 87 -3.50 26.76 21.60
CA TRP D 87 -2.11 27.17 21.35
C TRP D 87 -1.92 27.90 20.02
N GLY D 88 -3.00 28.25 19.35
CA GLY D 88 -2.88 28.91 18.07
C GLY D 88 -2.15 27.99 17.12
N PHE D 89 -1.53 28.55 16.09
CA PHE D 89 -0.79 27.73 15.14
C PHE D 89 0.61 27.51 15.71
N ASP D 90 0.75 26.51 16.59
CA ASP D 90 2.03 26.22 17.24
C ASP D 90 2.54 24.80 16.95
N PRO D 91 3.30 24.64 15.85
CA PRO D 91 3.84 23.33 15.48
C PRO D 91 4.79 22.71 16.51
N GLU D 92 5.56 23.53 17.20
CA GLU D 92 6.51 22.99 18.18
C GLU D 92 5.81 22.25 19.32
N ILE D 93 4.68 22.78 19.79
CA ILE D 93 3.95 22.13 20.87
C ILE D 93 3.09 21.01 20.32
N ALA D 94 2.49 21.26 19.15
CA ALA D 94 1.64 20.28 18.50
C ALA D 94 2.39 18.95 18.37
N LYS D 95 3.71 19.02 18.23
CA LYS D 95 4.53 17.83 18.09
C LYS D 95 4.56 16.98 19.35
N THR D 96 4.16 17.56 20.48
CA THR D 96 4.15 16.83 21.76
C THR D 96 2.73 16.40 22.15
N LYS D 97 1.90 16.04 21.17
CA LYS D 97 0.53 15.66 21.46
C LYS D 97 -0.02 14.62 20.49
N ILE D 98 -1.15 14.06 20.88
CA ILE D 98 -1.92 13.11 20.06
C ILE D 98 -3.34 13.28 20.58
N VAL D 99 -4.32 12.83 19.81
CA VAL D 99 -5.70 12.99 20.24
C VAL D 99 -6.27 11.62 20.60
N TYR D 100 -7.15 11.59 21.59
CA TYR D 100 -7.76 10.33 21.99
C TYR D 100 -9.27 10.43 21.94
N PHE D 101 -9.88 9.51 21.21
CA PHE D 101 -11.33 9.45 21.09
C PHE D 101 -11.82 8.96 22.46
N MET D 102 -12.77 9.66 23.05
CA MET D 102 -13.32 9.23 24.34
C MET D 102 -14.70 8.62 24.17
N THR D 103 -15.55 9.31 23.42
CA THR D 103 -16.91 8.83 23.17
C THR D 103 -17.44 9.29 21.81
N ILE D 104 -18.44 8.57 21.31
CA ILE D 104 -19.12 8.89 20.07
C ILE D 104 -20.57 8.56 20.38
N ASP D 105 -21.49 9.31 19.82
CA ASP D 105 -22.91 9.05 20.06
C ASP D 105 -23.76 9.82 19.07
N LYS D 106 -25.02 9.40 18.94
CA LYS D 106 -25.95 10.04 18.03
C LYS D 106 -25.46 10.13 16.59
N VAL D 107 -24.88 9.05 16.07
CA VAL D 107 -24.42 9.10 14.69
C VAL D 107 -25.46 8.47 13.76
N LYS D 108 -25.68 9.14 12.64
CA LYS D 108 -26.62 8.69 11.64
C LYS D 108 -25.95 8.80 10.29
N PHE D 109 -26.10 7.78 9.46
CA PHE D 109 -25.51 7.79 8.13
C PHE D 109 -26.68 7.89 7.18
N ARG D 110 -26.99 9.08 6.71
CA ARG D 110 -28.12 9.29 5.82
C ARG D 110 -27.87 9.01 4.35
N ILE D 111 -26.69 9.40 3.86
CA ILE D 111 -26.38 9.21 2.44
C ILE D 111 -24.99 8.63 2.21
N PRO D 112 -24.89 7.55 1.41
CA PRO D 112 -23.58 6.96 1.14
C PRO D 112 -22.65 7.96 0.44
N VAL D 113 -21.39 7.99 0.84
CA VAL D 113 -20.38 8.90 0.26
C VAL D 113 -19.55 8.11 -0.74
N THR D 114 -19.32 8.66 -1.92
CA THR D 114 -18.57 7.96 -2.96
C THR D 114 -17.53 8.82 -3.68
N PRO D 115 -16.67 8.16 -4.49
CA PRO D 115 -15.64 8.88 -5.24
C PRO D 115 -16.21 10.06 -6.02
N GLY D 116 -15.56 11.21 -5.90
CA GLY D 116 -16.01 12.40 -6.59
C GLY D 116 -16.75 13.34 -5.67
N ASP D 117 -16.90 12.95 -4.40
CA ASP D 117 -17.60 13.77 -3.39
C ASP D 117 -16.65 14.64 -2.59
N ARG D 118 -17.08 15.85 -2.26
CA ARG D 118 -16.29 16.73 -1.42
C ARG D 118 -16.92 16.57 -0.02
N LEU D 119 -16.36 15.67 0.78
CA LEU D 119 -16.85 15.42 2.12
C LEU D 119 -16.57 16.60 3.03
N GLU D 120 -17.58 17.44 3.24
CA GLU D 120 -17.46 18.64 4.05
C GLU D 120 -17.84 18.38 5.52
N TYR D 121 -16.96 18.79 6.43
CA TYR D 121 -17.15 18.61 7.86
C TYR D 121 -17.62 19.90 8.57
N HIS D 122 -18.71 19.79 9.32
CA HIS D 122 -19.26 20.92 10.06
C HIS D 122 -19.34 20.55 11.54
N LEU D 123 -18.52 21.20 12.35
CA LEU D 123 -18.51 20.90 13.78
C LEU D 123 -18.52 22.15 14.65
N GLU D 124 -19.22 22.03 15.78
CA GLU D 124 -19.30 23.12 16.74
C GLU D 124 -18.94 22.55 18.12
N VAL D 125 -18.39 23.39 18.98
CA VAL D 125 -18.01 22.97 20.32
C VAL D 125 -19.23 22.94 21.23
N LEU D 126 -19.59 21.73 21.67
CA LEU D 126 -20.73 21.55 22.58
C LEU D 126 -20.29 21.83 24.00
N LYS D 127 -19.06 21.45 24.31
CA LYS D 127 -18.47 21.66 25.63
C LYS D 127 -16.97 21.48 25.51
N HIS D 128 -16.22 22.14 26.39
CA HIS D 128 -14.77 22.02 26.37
C HIS D 128 -14.15 22.61 27.65
N LYS D 129 -13.24 21.84 28.24
CA LYS D 129 -12.54 22.29 29.43
C LYS D 129 -11.22 21.55 29.51
N GLY D 130 -10.12 22.29 29.37
CA GLY D 130 -8.81 21.67 29.40
C GLY D 130 -8.52 20.97 28.08
N MET D 131 -8.01 19.75 28.16
CA MET D 131 -7.69 18.99 26.96
C MET D 131 -8.91 18.26 26.41
N ILE D 132 -9.98 18.22 27.19
CA ILE D 132 -11.21 17.52 26.81
C ILE D 132 -12.18 18.40 26.02
N TRP D 133 -12.43 18.01 24.79
CA TRP D 133 -13.33 18.77 23.94
C TRP D 133 -14.49 17.94 23.41
N GLN D 134 -15.69 18.51 23.47
CA GLN D 134 -16.88 17.83 23.02
C GLN D 134 -17.46 18.59 21.84
N VAL D 135 -17.45 17.94 20.67
CA VAL D 135 -17.97 18.55 19.45
C VAL D 135 -19.12 17.75 18.83
N GLY D 136 -19.92 18.44 18.04
CA GLY D 136 -21.05 17.80 17.39
C GLY D 136 -21.38 18.53 16.11
N GLY D 137 -21.95 17.82 15.15
CA GLY D 137 -22.29 18.48 13.90
C GLY D 137 -22.65 17.51 12.80
N THR D 138 -22.28 17.87 11.58
CA THR D 138 -22.59 17.06 10.42
C THR D 138 -21.45 16.97 9.43
N ALA D 139 -21.64 16.07 8.46
CA ALA D 139 -20.71 15.85 7.36
C ALA D 139 -21.66 16.09 6.19
N GLN D 140 -21.28 16.96 5.28
CA GLN D 140 -22.14 17.30 4.15
C GLN D 140 -21.50 17.11 2.80
N VAL D 141 -22.32 16.88 1.79
CA VAL D 141 -21.87 16.74 0.41
C VAL D 141 -22.81 17.54 -0.46
N ASP D 142 -22.29 18.62 -1.04
CA ASP D 142 -23.09 19.49 -1.88
C ASP D 142 -24.33 19.96 -1.13
N GLY D 143 -24.11 20.55 0.04
CA GLY D 143 -25.21 21.07 0.83
C GLY D 143 -26.15 20.13 1.57
N LYS D 144 -26.14 18.84 1.23
CA LYS D 144 -27.01 17.86 1.89
C LYS D 144 -26.30 17.10 3.01
N VAL D 145 -27.01 16.85 4.11
CA VAL D 145 -26.43 16.15 5.24
C VAL D 145 -26.30 14.66 4.94
N VAL D 146 -25.07 14.21 4.94
CA VAL D 146 -24.69 12.84 4.65
C VAL D 146 -24.52 12.03 5.95
N ALA D 147 -24.25 12.74 7.04
CA ALA D 147 -24.07 12.10 8.33
C ALA D 147 -24.09 13.11 9.45
N GLU D 148 -24.43 12.64 10.65
CA GLU D 148 -24.48 13.46 11.85
C GLU D 148 -23.73 12.70 12.94
N ALA D 149 -23.10 13.43 13.85
CA ALA D 149 -22.37 12.76 14.93
C ALA D 149 -22.01 13.72 16.06
N GLU D 150 -21.68 13.13 17.21
CA GLU D 150 -21.26 13.86 18.40
C GLU D 150 -20.08 13.08 18.96
N LEU D 151 -19.02 13.77 19.32
CA LEU D 151 -17.89 13.04 19.83
C LEU D 151 -17.11 13.83 20.86
N LYS D 152 -16.45 13.09 21.74
CA LYS D 152 -15.64 13.71 22.77
C LYS D 152 -14.23 13.15 22.61
N ALA D 153 -13.26 14.03 22.50
CA ALA D 153 -11.88 13.64 22.34
C ALA D 153 -11.04 14.30 23.42
N MET D 154 -9.79 13.87 23.52
CA MET D 154 -8.85 14.42 24.47
C MET D 154 -7.46 14.53 23.87
N ILE D 155 -6.83 15.67 24.11
CA ILE D 155 -5.48 15.92 23.63
C ILE D 155 -4.59 15.54 24.80
N ALA D 156 -3.62 14.67 24.54
CA ALA D 156 -2.74 14.21 25.61
C ALA D 156 -1.25 14.26 25.26
N GLU D 157 -0.42 14.46 26.30
CA GLU D 157 1.04 14.50 26.15
C GLU D 157 1.43 13.12 25.66
N ARG D 158 2.10 13.06 24.51
CA ARG D 158 2.51 11.77 23.95
C ARG D 158 3.59 11.05 24.78
N GLU D 159 4.34 11.78 25.61
CA GLU D 159 5.36 11.14 26.44
C GLU D 159 6.51 10.56 25.61
N LEU E 8 17.86 -4.59 33.00
CA LEU E 8 17.21 -5.00 31.73
C LEU E 8 15.90 -5.72 32.02
N GLN E 9 14.79 -5.17 31.51
CA GLN E 9 13.47 -5.76 31.73
C GLN E 9 13.35 -7.11 31.03
N SER E 10 12.19 -7.77 31.20
CA SER E 10 11.96 -9.06 30.56
C SER E 10 10.73 -9.06 29.66
N GLN E 11 9.98 -7.95 29.68
CA GLN E 11 8.77 -7.82 28.86
C GLN E 11 8.92 -6.51 28.09
N PHE E 12 8.76 -6.57 26.76
CA PHE E 12 8.87 -5.38 25.92
C PHE E 12 7.72 -5.24 24.94
N PHE E 13 7.17 -4.04 24.86
CA PHE E 13 6.05 -3.78 23.96
C PHE E 13 6.49 -3.16 22.63
N ILE E 14 5.57 -3.08 21.68
CA ILE E 14 5.86 -2.53 20.36
C ILE E 14 6.76 -1.30 20.35
N GLU E 15 6.57 -0.38 21.29
CA GLU E 15 7.42 0.82 21.32
C GLU E 15 8.88 0.54 21.66
N HIS E 16 9.11 -0.45 22.51
CA HIS E 16 10.47 -0.80 22.89
C HIS E 16 11.14 -1.48 21.71
N ILE E 17 10.36 -2.27 20.98
CA ILE E 17 10.88 -2.98 19.82
C ILE E 17 11.33 -2.00 18.73
N LEU E 18 10.52 -0.97 18.47
CA LEU E 18 10.83 0.05 17.47
C LEU E 18 12.09 0.85 17.80
N GLN E 19 12.46 0.89 19.07
CA GLN E 19 13.64 1.65 19.50
C GLN E 19 14.92 0.83 19.44
N ILE E 20 14.77 -0.48 19.24
CA ILE E 20 15.90 -1.37 19.17
C ILE E 20 16.15 -1.89 17.76
N LEU E 21 15.12 -2.48 17.15
CA LEU E 21 15.24 -3.03 15.81
C LEU E 21 15.18 -1.99 14.72
N PRO E 22 15.95 -2.19 13.65
CA PRO E 22 15.95 -1.23 12.53
C PRO E 22 14.77 -1.47 11.60
N HIS E 23 14.24 -2.68 11.63
CA HIS E 23 13.12 -3.05 10.78
C HIS E 23 11.91 -2.14 10.93
N ARG E 24 11.25 -1.86 9.82
CA ARG E 24 10.07 -1.02 9.81
C ARG E 24 9.04 -1.64 8.89
N TYR E 25 7.86 -1.06 8.80
CA TYR E 25 6.81 -1.61 7.95
C TYR E 25 7.25 -1.61 6.50
N PRO E 26 6.93 -2.68 5.75
CA PRO E 26 6.18 -3.87 6.14
C PRO E 26 7.09 -5.05 6.50
N MET E 27 8.19 -4.77 7.19
CA MET E 27 9.12 -5.83 7.53
C MET E 27 9.49 -5.96 9.01
N LEU E 28 8.70 -5.33 9.88
CA LEU E 28 8.92 -5.44 11.32
C LEU E 28 7.88 -6.47 11.74
N LEU E 29 8.33 -7.70 11.95
CA LEU E 29 7.45 -8.82 12.28
C LEU E 29 7.48 -9.39 13.69
N VAL E 30 7.54 -8.52 14.69
CA VAL E 30 7.52 -8.92 16.09
C VAL E 30 6.73 -7.82 16.80
N ASP E 31 5.62 -8.19 17.40
CA ASP E 31 4.78 -7.22 18.08
C ASP E 31 5.06 -7.06 19.56
N ARG E 32 5.44 -8.13 20.22
CA ARG E 32 5.69 -8.04 21.65
C ARG E 32 6.68 -9.10 22.10
N ILE E 33 7.39 -8.81 23.19
CA ILE E 33 8.36 -9.74 23.77
C ILE E 33 7.84 -10.12 25.16
N THR E 34 7.55 -11.39 25.36
CA THR E 34 7.00 -11.82 26.64
C THR E 34 8.02 -12.15 27.72
N GLU E 35 9.16 -12.71 27.34
CA GLU E 35 10.20 -13.01 28.30
C GLU E 35 11.56 -12.95 27.62
N LEU E 36 12.61 -12.71 28.38
CA LEU E 36 13.94 -12.61 27.78
C LEU E 36 15.10 -12.78 28.77
N GLN E 37 16.00 -13.71 28.47
CA GLN E 37 17.18 -13.95 29.30
C GLN E 37 18.41 -13.57 28.47
N ALA E 38 19.14 -12.56 28.93
CA ALA E 38 20.33 -12.06 28.25
C ALA E 38 21.37 -13.13 27.89
N ASN E 39 21.80 -13.11 26.64
CA ASN E 39 22.80 -14.07 26.16
C ASN E 39 22.34 -15.50 26.15
N GLN E 40 21.05 -15.72 26.39
CA GLN E 40 20.56 -17.08 26.44
C GLN E 40 19.24 -17.42 25.73
N LYS E 41 18.16 -16.77 26.14
CA LYS E 41 16.85 -17.10 25.59
C LYS E 41 15.93 -15.89 25.36
N ILE E 42 14.94 -16.06 24.49
CA ILE E 42 13.95 -15.02 24.24
C ILE E 42 12.68 -15.61 23.69
N VAL E 43 11.54 -15.10 24.15
CA VAL E 43 10.25 -15.55 23.66
C VAL E 43 9.48 -14.29 23.28
N ALA E 44 8.96 -14.29 22.06
CA ALA E 44 8.20 -13.16 21.56
C ALA E 44 7.10 -13.66 20.64
N TYR E 45 6.30 -12.73 20.12
CA TYR E 45 5.24 -13.14 19.23
C TYR E 45 4.77 -12.02 18.35
N LYS E 46 4.11 -12.41 17.26
CA LYS E 46 3.54 -11.48 16.29
C LYS E 46 2.12 -11.98 16.01
N ASN E 47 1.13 -11.10 16.11
CA ASN E 47 -0.23 -11.53 15.81
C ASN E 47 -0.40 -11.61 14.28
N ILE E 48 -1.14 -12.59 13.80
CA ILE E 48 -1.38 -12.73 12.37
C ILE E 48 -2.82 -12.34 12.09
N THR E 49 -3.02 -11.34 11.26
CA THR E 49 -4.37 -10.90 10.94
C THR E 49 -4.56 -10.86 9.44
N PHE E 50 -5.80 -10.97 8.97
CA PHE E 50 -6.05 -10.92 7.53
C PHE E 50 -5.71 -9.53 7.00
N ASN E 51 -5.84 -8.52 7.86
CA ASN E 51 -5.57 -7.14 7.50
C ASN E 51 -4.07 -6.80 7.29
N GLU E 52 -3.36 -7.68 6.59
CA GLU E 52 -1.95 -7.48 6.30
C GLU E 52 -1.80 -7.64 4.79
N ASP E 53 -0.95 -6.81 4.19
CA ASP E 53 -0.75 -6.81 2.75
C ASP E 53 -0.21 -8.11 2.11
N VAL E 54 0.62 -8.88 2.81
CA VAL E 54 1.15 -10.14 2.25
C VAL E 54 0.02 -11.06 1.83
N PHE E 55 -1.11 -10.98 2.51
CA PHE E 55 -2.22 -11.85 2.19
C PHE E 55 -2.91 -11.60 0.84
N ASN E 56 -2.67 -10.43 0.25
CA ASN E 56 -3.26 -10.16 -1.06
C ASN E 56 -2.67 -11.09 -2.12
N GLY E 57 -1.49 -11.64 -1.84
CA GLY E 57 -0.86 -12.52 -2.80
C GLY E 57 -0.41 -13.88 -2.31
N HIS E 58 -0.73 -14.24 -1.08
CA HIS E 58 -0.28 -15.53 -0.55
C HIS E 58 -1.28 -16.18 0.40
N PHE E 59 -2.37 -16.74 -0.14
CA PHE E 59 -2.65 -16.74 -1.57
C PHE E 59 -4.07 -16.20 -1.76
N PRO E 60 -4.42 -15.74 -2.96
CA PRO E 60 -5.78 -15.24 -3.17
C PRO E 60 -6.80 -16.28 -2.69
N ASN E 61 -7.71 -15.86 -1.83
CA ASN E 61 -8.76 -16.73 -1.29
C ASN E 61 -8.27 -17.84 -0.37
N LYS E 62 -6.99 -17.79 -0.01
CA LYS E 62 -6.46 -18.78 0.91
C LYS E 62 -5.28 -18.19 1.66
N PRO E 63 -5.55 -17.26 2.59
CA PRO E 63 -4.50 -16.62 3.38
C PRO E 63 -3.63 -17.56 4.20
N ILE E 64 -2.37 -17.66 3.79
CA ILE E 64 -1.39 -18.49 4.47
C ILE E 64 -0.15 -17.63 4.71
N PHE E 65 0.16 -17.34 5.98
CA PHE E 65 1.33 -16.52 6.29
C PHE E 65 2.57 -17.20 5.70
N PRO E 66 3.34 -16.47 4.87
CA PRO E 66 4.54 -17.05 4.23
C PRO E 66 5.51 -17.68 5.22
N GLY E 67 5.99 -18.88 4.89
CA GLY E 67 6.92 -19.59 5.74
C GLY E 67 8.23 -18.85 5.92
N VAL E 68 8.69 -18.16 4.87
CA VAL E 68 9.94 -17.41 4.98
C VAL E 68 9.78 -16.22 5.89
N LEU E 69 8.57 -15.68 6.00
CA LEU E 69 8.36 -14.53 6.88
C LEU E 69 8.32 -14.98 8.34
N ILE E 70 8.11 -16.27 8.56
CA ILE E 70 8.11 -16.84 9.91
C ILE E 70 9.56 -16.87 10.36
N VAL E 71 10.43 -17.31 9.44
CA VAL E 71 11.85 -17.37 9.68
C VAL E 71 12.36 -15.98 10.04
N GLU E 72 11.91 -15.01 9.23
CA GLU E 72 12.27 -13.61 9.41
C GLU E 72 11.91 -13.12 10.80
N GLY E 73 10.73 -13.49 11.27
CA GLY E 73 10.27 -13.07 12.59
C GLY E 73 11.07 -13.72 13.70
N MET E 74 11.56 -14.93 13.46
CA MET E 74 12.36 -15.64 14.46
C MET E 74 13.72 -14.97 14.51
N ALA E 75 14.23 -14.58 13.34
CA ALA E 75 15.52 -13.92 13.24
C ALA E 75 15.50 -12.54 13.90
N GLN E 76 14.37 -11.87 13.84
CA GLN E 76 14.24 -10.56 14.45
C GLN E 76 14.17 -10.69 15.97
N SER E 77 13.58 -11.80 16.43
CA SER E 77 13.50 -12.06 17.85
C SER E 77 14.91 -12.27 18.38
N GLY E 78 15.72 -12.97 17.58
CA GLY E 78 17.09 -13.21 17.97
C GLY E 78 17.87 -11.92 17.94
N GLY E 79 17.61 -11.11 16.91
CA GLY E 79 18.28 -9.84 16.77
C GLY E 79 18.04 -8.92 17.95
N PHE E 80 16.82 -8.95 18.49
CA PHE E 80 16.51 -8.10 19.63
C PHE E 80 17.28 -8.66 20.83
N LEU E 81 17.32 -9.99 20.91
CA LEU E 81 18.02 -10.66 21.99
C LEU E 81 19.49 -10.29 21.91
N ALA E 82 20.03 -10.35 20.69
CA ALA E 82 21.44 -10.03 20.47
C ALA E 82 21.77 -8.62 20.92
N PHE E 83 21.05 -7.65 20.38
CA PHE E 83 21.31 -6.26 20.71
C PHE E 83 21.26 -5.92 22.19
N THR E 84 20.20 -6.33 22.88
CA THR E 84 20.08 -6.01 24.30
C THR E 84 21.11 -6.76 25.16
N SER E 85 21.58 -7.90 24.67
CA SER E 85 22.58 -8.66 25.40
C SER E 85 23.92 -7.96 25.26
N LEU E 86 24.11 -7.28 24.14
CA LEU E 86 25.34 -6.55 23.85
C LEU E 86 25.39 -5.21 24.59
N TRP E 87 24.50 -4.29 24.22
CA TRP E 87 24.47 -2.94 24.82
C TRP E 87 23.31 -2.66 25.80
N GLY E 88 22.46 -3.65 26.05
CA GLY E 88 21.32 -3.43 26.93
C GLY E 88 20.28 -2.65 26.15
N PHE E 89 19.31 -2.06 26.83
CA PHE E 89 18.28 -1.30 26.15
C PHE E 89 18.80 0.09 25.83
N ASP E 90 19.64 0.19 24.80
CA ASP E 90 20.22 1.47 24.44
C ASP E 90 19.73 1.95 23.08
N PRO E 91 18.63 2.72 23.05
CA PRO E 91 18.04 3.26 21.82
C PRO E 91 18.97 4.10 20.94
N GLU E 92 19.88 4.87 21.55
CA GLU E 92 20.79 5.71 20.78
C GLU E 92 21.88 4.93 20.04
N ILE E 93 22.33 3.84 20.62
CA ILE E 93 23.33 3.03 19.96
C ILE E 93 22.61 2.23 18.87
N ALA E 94 21.39 1.82 19.19
CA ALA E 94 20.58 1.03 18.28
C ALA E 94 20.11 1.73 17.03
N LYS E 95 19.87 3.03 17.11
CA LYS E 95 19.36 3.73 15.94
C LYS E 95 20.29 3.80 14.72
N THR E 96 21.51 3.30 14.83
CA THR E 96 22.43 3.34 13.69
C THR E 96 22.93 1.97 13.24
N LYS E 97 22.27 0.91 13.71
CA LYS E 97 22.68 -0.44 13.34
C LYS E 97 21.65 -1.19 12.51
N ILE E 98 22.10 -2.16 11.73
CA ILE E 98 21.20 -2.97 10.95
C ILE E 98 21.57 -4.42 11.21
N VAL E 99 20.86 -5.36 10.59
CA VAL E 99 21.12 -6.78 10.80
C VAL E 99 21.08 -7.58 9.50
N TYR E 100 22.17 -8.26 9.18
CA TYR E 100 22.23 -9.08 7.98
C TYR E 100 22.08 -10.55 8.34
N PHE E 101 21.48 -11.29 7.43
CA PHE E 101 21.30 -12.73 7.60
C PHE E 101 22.58 -13.31 7.04
N MET E 102 23.17 -14.28 7.71
CA MET E 102 24.38 -14.90 7.19
C MET E 102 24.00 -16.28 6.70
N THR E 103 23.30 -17.03 7.53
CA THR E 103 22.89 -18.38 7.14
C THR E 103 21.54 -18.80 7.71
N ILE E 104 21.00 -19.89 7.17
CA ILE E 104 19.75 -20.46 7.62
C ILE E 104 19.91 -21.96 7.43
N ASP E 105 19.57 -22.74 8.45
CA ASP E 105 19.68 -24.19 8.37
C ASP E 105 18.52 -24.90 9.06
N LYS E 106 18.41 -26.18 8.79
CA LYS E 106 17.41 -27.07 9.38
C LYS E 106 16.04 -26.48 9.72
N VAL E 107 15.40 -25.83 8.76
CA VAL E 107 14.07 -25.31 9.04
C VAL E 107 13.09 -26.31 8.48
N LYS E 108 12.02 -26.55 9.23
CA LYS E 108 10.99 -27.49 8.80
C LYS E 108 9.65 -26.85 9.16
N PHE E 109 8.73 -26.80 8.22
CA PHE E 109 7.42 -26.22 8.50
C PHE E 109 6.44 -27.36 8.75
N ARG E 110 5.78 -27.35 9.91
CA ARG E 110 4.86 -28.42 10.24
C ARG E 110 3.38 -28.11 10.06
N ILE E 111 2.99 -26.89 10.42
CA ILE E 111 1.59 -26.47 10.32
C ILE E 111 1.48 -25.07 9.74
N PRO E 112 0.57 -24.88 8.76
CA PRO E 112 0.41 -23.55 8.15
C PRO E 112 -0.09 -22.52 9.15
N VAL E 113 0.38 -21.28 9.01
CA VAL E 113 -0.03 -20.21 9.89
C VAL E 113 -1.09 -19.38 9.17
N THR E 114 -2.22 -19.15 9.83
CA THR E 114 -3.32 -18.40 9.23
C THR E 114 -3.78 -17.21 10.05
N PRO E 115 -4.56 -16.31 9.42
CA PRO E 115 -5.08 -15.12 10.11
C PRO E 115 -5.82 -15.56 11.37
N GLY E 116 -5.58 -14.87 12.47
CA GLY E 116 -6.22 -15.24 13.72
C GLY E 116 -5.28 -15.98 14.64
N ASP E 117 -4.09 -16.33 14.15
CA ASP E 117 -3.09 -17.04 14.96
C ASP E 117 -2.17 -16.07 15.70
N ARG E 118 -1.68 -16.50 16.86
CA ARG E 118 -0.74 -15.72 17.64
C ARG E 118 0.54 -16.51 17.46
N LEU E 119 1.36 -16.10 16.49
CA LEU E 119 2.61 -16.78 16.16
C LEU E 119 3.68 -16.49 17.21
N GLU E 120 3.96 -17.48 18.05
CA GLU E 120 4.94 -17.32 19.12
C GLU E 120 6.36 -17.80 18.77
N TYR E 121 7.33 -16.89 18.86
CA TYR E 121 8.73 -17.18 18.56
C TYR E 121 9.49 -17.61 19.82
N HIS E 122 10.28 -18.68 19.70
CA HIS E 122 11.09 -19.18 20.80
C HIS E 122 12.50 -19.41 20.27
N LEU E 123 13.41 -18.52 20.62
CA LEU E 123 14.79 -18.63 20.17
C LEU E 123 15.74 -18.79 21.34
N GLU E 124 16.74 -19.65 21.14
CA GLU E 124 17.77 -19.89 22.14
C GLU E 124 19.10 -19.64 21.46
N VAL E 125 20.01 -18.99 22.16
CA VAL E 125 21.32 -18.70 21.61
C VAL E 125 22.18 -19.96 21.57
N LEU E 126 22.55 -20.41 20.37
CA LEU E 126 23.35 -21.61 20.21
C LEU E 126 24.84 -21.30 20.29
N LYS E 127 25.21 -20.11 19.88
CA LYS E 127 26.60 -19.68 19.90
C LYS E 127 26.67 -18.26 19.39
N HIS E 128 27.54 -17.46 20.00
CA HIS E 128 27.67 -16.08 19.58
C HIS E 128 29.05 -15.58 19.93
N LYS E 129 29.56 -14.67 19.10
CA LYS E 129 30.87 -14.06 19.29
C LYS E 129 30.85 -12.68 18.62
N GLY E 130 30.97 -11.65 19.45
CA GLY E 130 30.95 -10.30 18.91
C GLY E 130 29.60 -10.04 18.28
N MET E 131 29.61 -9.59 17.02
CA MET E 131 28.37 -9.28 16.31
C MET E 131 27.65 -10.49 15.74
N ILE E 132 28.36 -11.61 15.59
CA ILE E 132 27.75 -12.79 15.00
C ILE E 132 27.02 -13.68 15.99
N TRP E 133 25.70 -13.70 15.88
CA TRP E 133 24.86 -14.52 16.74
C TRP E 133 24.19 -15.67 16.00
N GLN E 134 24.22 -16.84 16.60
CA GLN E 134 23.60 -18.02 16.01
C GLN E 134 22.55 -18.55 16.97
N VAL E 135 21.30 -18.39 16.58
CA VAL E 135 20.18 -18.83 17.41
C VAL E 135 19.40 -19.95 16.74
N GLY E 136 18.63 -20.67 17.55
CA GLY E 136 17.82 -21.76 17.04
C GLY E 136 16.56 -21.88 17.85
N GLY E 137 15.53 -22.49 17.30
CA GLY E 137 14.30 -22.63 18.05
C GLY E 137 13.08 -22.98 17.22
N THR E 138 11.92 -22.64 17.75
CA THR E 138 10.66 -22.92 17.09
C THR E 138 9.71 -21.74 17.03
N ALA E 139 8.66 -21.91 16.24
CA ALA E 139 7.61 -20.94 16.09
C ALA E 139 6.40 -21.75 16.54
N GLN E 140 5.62 -21.21 17.47
CA GLN E 140 4.47 -21.93 17.98
C GLN E 140 3.12 -21.22 17.90
N VAL E 141 2.07 -22.00 17.68
CA VAL E 141 0.72 -21.46 17.63
C VAL E 141 -0.09 -22.34 18.59
N ASP E 142 -0.60 -21.73 19.64
CA ASP E 142 -1.39 -22.46 20.63
C ASP E 142 -0.61 -23.66 21.18
N GLY E 143 0.62 -23.42 21.63
CA GLY E 143 1.44 -24.48 22.19
C GLY E 143 1.95 -25.58 21.26
N LYS E 144 1.52 -25.59 20.01
CA LYS E 144 2.01 -26.61 19.06
C LYS E 144 3.11 -25.99 18.22
N VAL E 145 4.05 -26.82 17.77
CA VAL E 145 5.13 -26.30 16.95
C VAL E 145 4.73 -26.30 15.49
N VAL E 146 4.75 -25.12 14.89
CA VAL E 146 4.40 -24.96 13.50
C VAL E 146 5.65 -24.79 12.64
N ALA E 147 6.78 -24.51 13.30
CA ALA E 147 8.04 -24.32 12.58
C ALA E 147 9.27 -24.43 13.46
N GLU E 148 10.34 -24.94 12.86
CA GLU E 148 11.63 -25.10 13.52
C GLU E 148 12.66 -24.39 12.67
N ALA E 149 13.65 -23.78 13.29
CA ALA E 149 14.66 -23.12 12.50
C ALA E 149 15.93 -22.82 13.27
N GLU E 150 16.98 -22.64 12.50
CA GLU E 150 18.30 -22.34 13.03
C GLU E 150 18.85 -21.29 12.09
N LEU E 151 19.38 -20.21 12.65
CA LEU E 151 19.90 -19.14 11.81
C LEU E 151 21.04 -18.37 12.45
N LYS E 152 21.83 -17.73 11.60
CA LYS E 152 22.96 -16.92 12.05
C LYS E 152 22.83 -15.57 11.34
N ALA E 153 22.80 -14.52 12.14
CA ALA E 153 22.66 -13.16 11.65
C ALA E 153 23.76 -12.29 12.25
N MET E 154 24.11 -11.23 11.54
CA MET E 154 25.16 -10.35 12.01
C MET E 154 24.65 -8.95 12.22
N ILE E 155 25.05 -8.34 13.32
CA ILE E 155 24.68 -6.96 13.63
C ILE E 155 25.81 -6.10 13.13
N ALA E 156 25.48 -5.03 12.40
CA ALA E 156 26.51 -4.16 11.87
C ALA E 156 26.13 -2.69 11.91
N GLU E 157 27.13 -1.86 12.19
CA GLU E 157 26.96 -0.41 12.24
C GLU E 157 26.60 0.05 10.83
N ARG E 158 25.50 0.77 10.71
CA ARG E 158 25.07 1.26 9.41
C ARG E 158 26.16 2.17 8.83
N GLU E 159 26.57 1.91 7.60
CA GLU E 159 27.58 2.76 7.01
C GLU E 159 27.46 2.86 5.51
N GLN F 11 11.46 -18.81 -23.80
CA GLN F 11 11.31 -18.01 -22.54
C GLN F 11 9.86 -17.88 -22.10
N PHE F 12 9.63 -17.81 -20.79
CA PHE F 12 8.28 -17.63 -20.26
C PHE F 12 8.24 -16.26 -19.63
N PHE F 13 7.27 -15.45 -20.03
CA PHE F 13 7.18 -14.10 -19.49
C PHE F 13 6.19 -14.01 -18.35
N ILE F 14 6.15 -12.86 -17.69
CA ILE F 14 5.26 -12.66 -16.55
C ILE F 14 3.85 -13.23 -16.74
N GLU F 15 3.25 -12.95 -17.88
CA GLU F 15 1.90 -13.46 -18.18
C GLU F 15 1.79 -15.00 -18.07
N HIS F 16 2.82 -15.72 -18.49
CA HIS F 16 2.82 -17.18 -18.40
C HIS F 16 3.06 -17.59 -16.96
N ILE F 17 3.97 -16.87 -16.31
CA ILE F 17 4.27 -17.13 -14.92
C ILE F 17 2.98 -17.01 -14.12
N LEU F 18 2.16 -16.03 -14.46
CA LEU F 18 0.89 -15.84 -13.76
C LEU F 18 -0.06 -17.01 -13.99
N GLN F 19 0.06 -17.65 -15.15
CA GLN F 19 -0.80 -18.77 -15.45
C GLN F 19 -0.41 -20.04 -14.72
N ILE F 20 0.77 -20.08 -14.12
CA ILE F 20 1.19 -21.28 -13.41
C ILE F 20 1.34 -21.14 -11.91
N LEU F 21 2.03 -20.10 -11.45
CA LEU F 21 2.21 -19.92 -10.02
C LEU F 21 0.97 -19.29 -9.40
N PRO F 22 0.59 -19.75 -8.20
CA PRO F 22 -0.59 -19.22 -7.52
C PRO F 22 -0.32 -17.86 -6.88
N HIS F 23 0.95 -17.56 -6.66
CA HIS F 23 1.37 -16.31 -6.03
C HIS F 23 0.99 -15.04 -6.77
N ARG F 24 0.61 -14.03 -6.00
CA ARG F 24 0.25 -12.74 -6.58
C ARG F 24 0.92 -11.65 -5.74
N TYR F 25 0.74 -10.39 -6.13
CA TYR F 25 1.34 -9.26 -5.43
C TYR F 25 0.89 -9.19 -3.98
N PRO F 26 1.80 -8.87 -3.06
CA PRO F 26 3.23 -8.57 -3.24
C PRO F 26 4.13 -9.76 -2.92
N MET F 27 3.67 -10.97 -3.22
CA MET F 27 4.45 -12.16 -2.96
C MET F 27 4.87 -12.98 -4.18
N LEU F 28 4.69 -12.44 -5.39
CA LEU F 28 5.10 -13.13 -6.62
C LEU F 28 6.46 -12.53 -6.96
N LEU F 29 7.53 -13.25 -6.64
CA LEU F 29 8.88 -12.75 -6.85
C LEU F 29 9.71 -13.28 -8.01
N VAL F 30 9.06 -13.68 -9.10
CA VAL F 30 9.76 -14.15 -10.29
C VAL F 30 9.16 -13.36 -11.46
N ASP F 31 10.01 -12.71 -12.25
CA ASP F 31 9.52 -11.91 -13.37
C ASP F 31 9.60 -12.58 -14.72
N ARG F 32 10.56 -13.48 -14.89
CA ARG F 32 10.75 -14.14 -16.18
C ARG F 32 11.55 -15.43 -16.02
N ILE F 33 11.29 -16.40 -16.91
CA ILE F 33 11.98 -17.68 -16.93
C ILE F 33 12.80 -17.73 -18.22
N THR F 34 14.11 -17.85 -18.11
CA THR F 34 14.98 -17.90 -19.29
C THR F 34 15.36 -19.31 -19.78
N GLU F 35 15.44 -20.28 -18.86
CA GLU F 35 15.80 -21.68 -19.18
C GLU F 35 14.95 -22.70 -18.44
N LEU F 36 14.51 -23.74 -19.14
CA LEU F 36 13.69 -24.75 -18.51
C LEU F 36 14.00 -26.13 -19.05
N GLN F 37 14.37 -27.06 -18.18
CA GLN F 37 14.65 -28.43 -18.61
C GLN F 37 13.95 -29.39 -17.66
N ALA F 38 12.78 -29.87 -18.07
CA ALA F 38 11.97 -30.78 -17.27
C ALA F 38 12.77 -31.78 -16.43
N ASN F 39 12.43 -31.84 -15.14
CA ASN F 39 13.08 -32.75 -14.19
C ASN F 39 14.57 -32.55 -14.05
N GLN F 40 15.07 -31.39 -14.45
CA GLN F 40 16.50 -31.14 -14.35
C GLN F 40 16.84 -29.82 -13.70
N LYS F 41 16.49 -28.72 -14.34
CA LYS F 41 16.83 -27.42 -13.79
C LYS F 41 16.06 -26.27 -14.41
N ILE F 42 16.18 -25.10 -13.80
CA ILE F 42 15.52 -23.91 -14.28
C ILE F 42 16.34 -22.68 -13.92
N VAL F 43 16.43 -21.74 -14.85
CA VAL F 43 17.14 -20.49 -14.63
C VAL F 43 16.12 -19.39 -14.84
N ALA F 44 15.98 -18.51 -13.86
CA ALA F 44 15.01 -17.42 -13.94
C ALA F 44 15.53 -16.18 -13.21
N TYR F 45 14.72 -15.13 -13.17
CA TYR F 45 15.13 -13.92 -12.47
C TYR F 45 13.99 -13.01 -12.10
N LYS F 46 14.31 -12.07 -11.23
CA LYS F 46 13.40 -11.04 -10.76
C LYS F 46 14.21 -9.76 -10.71
N ASN F 47 13.64 -8.67 -11.21
CA ASN F 47 14.34 -7.40 -11.15
C ASN F 47 14.13 -6.79 -9.76
N ILE F 48 15.14 -6.08 -9.27
CA ILE F 48 15.05 -5.43 -7.97
C ILE F 48 15.07 -3.94 -8.26
N THR F 49 14.03 -3.25 -7.82
CA THR F 49 13.91 -1.82 -8.04
C THR F 49 13.58 -1.16 -6.71
N PHE F 50 13.90 0.12 -6.57
CA PHE F 50 13.58 0.82 -5.34
C PHE F 50 12.06 0.90 -5.14
N ASN F 51 11.34 0.92 -6.25
CA ASN F 51 9.89 1.05 -6.27
C ASN F 51 9.08 -0.13 -5.69
N GLU F 52 9.69 -0.90 -4.79
CA GLU F 52 8.99 -2.02 -4.17
C GLU F 52 8.69 -1.63 -2.72
N ASP F 53 7.49 -1.97 -2.25
CA ASP F 53 7.05 -1.61 -0.90
C ASP F 53 7.91 -2.19 0.22
N VAL F 54 8.48 -3.36 -0.01
CA VAL F 54 9.32 -4.01 0.97
C VAL F 54 10.51 -3.14 1.42
N PHE F 55 10.95 -2.22 0.56
CA PHE F 55 12.08 -1.39 0.91
C PHE F 55 11.78 -0.28 1.92
N ASN F 56 10.51 -0.02 2.19
CA ASN F 56 10.15 1.02 3.16
C ASN F 56 10.60 0.61 4.56
N GLY F 57 10.71 -0.71 4.79
CA GLY F 57 11.12 -1.17 6.10
C GLY F 57 12.33 -2.07 6.14
N HIS F 58 13.03 -2.23 5.04
CA HIS F 58 14.19 -3.11 5.06
C HIS F 58 15.36 -2.62 4.22
N PHE F 59 16.03 -1.55 4.65
CA PHE F 59 15.68 -0.81 5.85
C PHE F 59 15.57 0.65 5.44
N PRO F 60 15.05 1.51 6.33
CA PRO F 60 14.91 2.93 5.98
C PRO F 60 16.27 3.53 5.66
N ASN F 61 16.34 4.33 4.59
CA ASN F 61 17.62 4.96 4.21
C ASN F 61 18.72 3.98 3.81
N LYS F 62 18.38 2.70 3.75
CA LYS F 62 19.35 1.67 3.34
C LYS F 62 18.58 0.47 2.78
N PRO F 63 18.21 0.53 1.50
CA PRO F 63 17.48 -0.56 0.86
C PRO F 63 18.31 -1.80 0.62
N ILE F 64 17.85 -2.93 1.18
CA ILE F 64 18.49 -4.22 1.04
C ILE F 64 17.41 -5.29 0.89
N PHE F 65 17.39 -5.97 -0.25
CA PHE F 65 16.39 -7.00 -0.49
C PHE F 65 16.52 -8.09 0.56
N PRO F 66 15.42 -8.40 1.29
CA PRO F 66 15.47 -9.43 2.34
C PRO F 66 16.00 -10.78 1.88
N GLY F 67 16.94 -11.32 2.64
CA GLY F 67 17.51 -12.60 2.31
C GLY F 67 16.44 -13.68 2.19
N VAL F 68 15.44 -13.61 3.06
CA VAL F 68 14.37 -14.58 3.06
C VAL F 68 13.52 -14.51 1.80
N LEU F 69 13.50 -13.34 1.18
CA LEU F 69 12.72 -13.15 -0.05
C LEU F 69 13.49 -13.66 -1.25
N ILE F 70 14.81 -13.72 -1.11
CA ILE F 70 15.65 -14.26 -2.17
C ILE F 70 15.31 -15.74 -2.20
N VAL F 71 15.25 -16.36 -1.03
CA VAL F 71 14.92 -17.77 -0.92
C VAL F 71 13.50 -18.06 -1.47
N GLU F 72 12.55 -17.19 -1.16
CA GLU F 72 11.17 -17.35 -1.65
C GLU F 72 11.19 -17.36 -3.18
N GLY F 73 12.00 -16.46 -3.74
CA GLY F 73 12.12 -16.37 -5.18
C GLY F 73 12.71 -17.63 -5.76
N MET F 74 13.55 -18.31 -4.99
CA MET F 74 14.15 -19.54 -5.44
C MET F 74 13.15 -20.67 -5.35
N ALA F 75 12.35 -20.64 -4.28
CA ALA F 75 11.32 -21.65 -4.06
C ALA F 75 10.28 -21.55 -5.17
N GLN F 76 9.93 -20.32 -5.53
CA GLN F 76 8.96 -20.09 -6.59
C GLN F 76 9.50 -20.57 -7.93
N SER F 77 10.77 -20.29 -8.21
CA SER F 77 11.38 -20.73 -9.46
C SER F 77 11.34 -22.25 -9.50
N GLY F 78 11.60 -22.86 -8.35
CA GLY F 78 11.56 -24.31 -8.27
C GLY F 78 10.13 -24.79 -8.41
N GLY F 79 9.20 -24.00 -7.88
CA GLY F 79 7.79 -24.36 -7.98
C GLY F 79 7.36 -24.47 -9.43
N PHE F 80 7.79 -23.51 -10.24
CA PHE F 80 7.44 -23.47 -11.67
C PHE F 80 8.02 -24.69 -12.39
N LEU F 81 9.18 -25.14 -11.94
CA LEU F 81 9.85 -26.30 -12.53
C LEU F 81 9.01 -27.53 -12.17
N ALA F 82 8.53 -27.58 -10.93
CA ALA F 82 7.70 -28.68 -10.44
C ALA F 82 6.40 -28.80 -11.23
N PHE F 83 5.66 -27.70 -11.31
CA PHE F 83 4.40 -27.65 -12.06
C PHE F 83 4.58 -28.16 -13.49
N THR F 84 5.40 -27.45 -14.25
CA THR F 84 5.64 -27.79 -15.64
C THR F 84 6.17 -29.21 -15.86
N SER F 85 7.02 -29.68 -14.95
CA SER F 85 7.56 -31.03 -15.08
C SER F 85 6.48 -32.09 -14.80
N LEU F 86 5.49 -31.72 -14.00
CA LEU F 86 4.42 -32.63 -13.62
C LEU F 86 3.29 -32.70 -14.64
N TRP F 87 2.79 -31.54 -15.05
CA TRP F 87 1.69 -31.50 -16.01
C TRP F 87 1.95 -30.65 -17.24
N GLY F 88 3.18 -30.16 -17.41
CA GLY F 88 3.48 -29.32 -18.55
C GLY F 88 2.84 -27.95 -18.33
N PHE F 89 2.76 -27.13 -19.38
CA PHE F 89 2.15 -25.80 -19.24
C PHE F 89 0.63 -25.97 -19.34
N ASP F 90 0.02 -26.27 -18.21
CA ASP F 90 -1.42 -26.47 -18.14
C ASP F 90 -2.03 -25.50 -17.12
N PRO F 91 -2.44 -24.31 -17.58
CA PRO F 91 -3.03 -23.34 -16.65
C PRO F 91 -4.25 -23.90 -15.93
N GLU F 92 -4.99 -24.76 -16.61
CA GLU F 92 -6.20 -25.37 -16.05
C GLU F 92 -5.95 -26.09 -14.72
N ILE F 93 -4.96 -26.98 -14.69
CA ILE F 93 -4.62 -27.73 -13.48
C ILE F 93 -4.00 -26.77 -12.44
N ALA F 94 -3.09 -25.93 -12.92
CA ALA F 94 -2.40 -24.95 -12.10
C ALA F 94 -3.33 -24.09 -11.25
N LYS F 95 -4.47 -23.71 -11.81
CA LYS F 95 -5.41 -22.83 -11.10
C LYS F 95 -6.10 -23.46 -9.90
N THR F 96 -5.84 -24.73 -9.64
CA THR F 96 -6.47 -25.40 -8.50
C THR F 96 -5.50 -25.71 -7.37
N LYS F 97 -4.20 -25.64 -7.67
CA LYS F 97 -3.17 -25.95 -6.68
C LYS F 97 -2.59 -24.70 -6.06
N ILE F 98 -1.78 -24.93 -5.01
CA ILE F 98 -1.06 -23.86 -4.31
C ILE F 98 0.26 -24.50 -3.89
N VAL F 99 1.15 -23.73 -3.29
CA VAL F 99 2.44 -24.28 -2.89
C VAL F 99 2.82 -24.03 -1.44
N TYR F 100 3.16 -25.12 -0.74
CA TYR F 100 3.57 -25.06 0.66
C TYR F 100 5.06 -25.31 0.83
N PHE F 101 5.68 -24.50 1.67
CA PHE F 101 7.10 -24.64 1.97
C PHE F 101 7.22 -25.77 3.00
N MET F 102 8.14 -26.71 2.79
CA MET F 102 8.31 -27.82 3.73
C MET F 102 9.62 -27.73 4.53
N THR F 103 10.73 -27.57 3.82
CA THR F 103 12.03 -27.46 4.48
C THR F 103 12.94 -26.48 3.74
N ILE F 104 13.84 -25.86 4.49
CA ILE F 104 14.82 -24.95 3.93
C ILE F 104 16.11 -25.34 4.63
N ASP F 105 17.19 -25.47 3.85
CA ASP F 105 18.44 -25.83 4.47
C ASP F 105 19.66 -25.38 3.70
N LYS F 106 20.77 -25.29 4.42
CA LYS F 106 22.04 -24.90 3.85
C LYS F 106 21.97 -23.64 3.01
N VAL F 107 21.43 -22.58 3.59
CA VAL F 107 21.38 -21.33 2.84
C VAL F 107 22.47 -20.44 3.42
N LYS F 108 23.12 -19.70 2.54
CA LYS F 108 24.16 -18.76 2.94
C LYS F 108 24.06 -17.56 2.02
N PHE F 109 24.16 -16.38 2.62
CA PHE F 109 24.10 -15.15 1.85
C PHE F 109 25.53 -14.61 1.83
N ARG F 110 25.98 -14.15 0.67
CA ARG F 110 27.33 -13.65 0.55
C ARG F 110 27.39 -12.18 0.19
N ILE F 111 26.47 -11.76 -0.68
CA ILE F 111 26.44 -10.38 -1.11
C ILE F 111 25.02 -9.84 -1.00
N PRO F 112 24.86 -8.63 -0.44
CA PRO F 112 23.53 -8.06 -0.32
C PRO F 112 23.00 -7.65 -1.70
N VAL F 113 21.71 -7.89 -1.93
CA VAL F 113 21.05 -7.56 -3.21
C VAL F 113 20.36 -6.20 -3.05
N THR F 114 20.59 -5.29 -3.99
CA THR F 114 20.02 -3.95 -3.88
C THR F 114 19.28 -3.47 -5.14
N PRO F 115 18.53 -2.36 -5.03
CA PRO F 115 17.80 -1.84 -6.19
C PRO F 115 18.76 -1.64 -7.35
N GLY F 116 18.37 -2.13 -8.53
CA GLY F 116 19.22 -2.02 -9.70
C GLY F 116 19.82 -3.37 -10.04
N ASP F 117 19.60 -4.34 -9.18
CA ASP F 117 20.13 -5.69 -9.39
C ASP F 117 19.18 -6.59 -10.15
N ARG F 118 19.75 -7.48 -10.94
CA ARG F 118 19.00 -8.46 -11.68
C ARG F 118 19.26 -9.73 -10.88
N LEU F 119 18.27 -10.16 -10.09
CA LEU F 119 18.40 -11.34 -9.24
C LEU F 119 18.07 -12.62 -10.01
N GLU F 120 19.11 -13.33 -10.42
CA GLU F 120 18.96 -14.55 -11.20
C GLU F 120 18.92 -15.82 -10.36
N TYR F 121 17.89 -16.63 -10.56
CA TYR F 121 17.73 -17.89 -9.84
C TYR F 121 18.18 -19.10 -10.65
N HIS F 122 19.06 -19.91 -10.08
CA HIS F 122 19.58 -21.13 -10.71
C HIS F 122 19.26 -22.30 -9.79
N LEU F 123 18.24 -23.07 -10.12
CA LEU F 123 17.83 -24.22 -9.31
C LEU F 123 17.87 -25.53 -10.11
N GLU F 124 18.27 -26.62 -9.46
CA GLU F 124 18.28 -27.92 -10.11
C GLU F 124 17.49 -28.87 -9.21
N VAL F 125 16.89 -29.91 -9.79
CA VAL F 125 16.12 -30.85 -8.99
C VAL F 125 17.05 -31.82 -8.27
N LEU F 126 16.94 -31.86 -6.96
CA LEU F 126 17.77 -32.77 -6.19
C LEU F 126 17.04 -34.10 -6.09
N LYS F 127 15.76 -34.05 -5.73
CA LYS F 127 14.96 -35.26 -5.59
C LYS F 127 13.49 -34.93 -5.58
N HIS F 128 12.67 -35.78 -6.18
CA HIS F 128 11.24 -35.53 -6.20
C HIS F 128 10.42 -36.81 -6.28
N LYS F 129 9.18 -36.72 -5.79
CA LYS F 129 8.25 -37.84 -5.80
C LYS F 129 6.86 -37.27 -5.57
N GLY F 130 5.94 -37.57 -6.47
CA GLY F 130 4.60 -37.06 -6.32
C GLY F 130 4.59 -35.55 -6.34
N MET F 131 3.93 -34.95 -5.34
CA MET F 131 3.81 -33.51 -5.21
C MET F 131 4.97 -32.88 -4.46
N ILE F 132 5.81 -33.69 -3.84
CA ILE F 132 6.92 -33.20 -3.06
C ILE F 132 8.21 -33.05 -3.87
N TRP F 133 8.74 -31.82 -3.92
CA TRP F 133 9.97 -31.56 -4.67
C TRP F 133 11.08 -30.94 -3.84
N GLN F 134 12.28 -31.45 -4.06
CA GLN F 134 13.46 -30.95 -3.36
C GLN F 134 14.49 -30.39 -4.33
N VAL F 135 14.62 -29.07 -4.37
CA VAL F 135 15.59 -28.43 -5.26
C VAL F 135 16.67 -27.68 -4.48
N GLY F 136 17.75 -27.36 -5.19
CA GLY F 136 18.86 -26.63 -4.59
C GLY F 136 19.61 -25.87 -5.66
N GLY F 137 20.27 -24.79 -5.27
CA GLY F 137 21.01 -24.01 -6.23
C GLY F 137 21.49 -22.69 -5.69
N THR F 138 21.54 -21.68 -6.55
CA THR F 138 22.03 -20.37 -6.18
C THR F 138 21.23 -19.23 -6.79
N ALA F 139 21.43 -18.05 -6.22
CA ALA F 139 20.83 -16.82 -6.69
C ALA F 139 22.07 -16.03 -7.08
N GLN F 140 22.10 -15.48 -8.29
CA GLN F 140 23.27 -14.76 -8.76
C GLN F 140 22.96 -13.36 -9.26
N VAL F 141 23.94 -12.48 -9.14
CA VAL F 141 23.80 -11.10 -9.62
C VAL F 141 25.03 -10.81 -10.47
N ASP F 142 24.81 -10.49 -11.74
CA ASP F 142 25.91 -10.19 -12.64
C ASP F 142 27.02 -11.25 -12.55
N GLY F 143 26.67 -12.51 -12.70
CA GLY F 143 27.69 -13.55 -12.66
C GLY F 143 28.13 -14.06 -11.31
N LYS F 144 27.95 -13.29 -10.24
CA LYS F 144 28.38 -13.74 -8.91
C LYS F 144 27.26 -14.30 -8.02
N VAL F 145 27.63 -15.31 -7.24
CA VAL F 145 26.70 -15.97 -6.34
C VAL F 145 26.46 -15.10 -5.11
N VAL F 146 25.23 -14.64 -4.94
CA VAL F 146 24.92 -13.81 -3.80
C VAL F 146 24.24 -14.64 -2.74
N ALA F 147 23.90 -15.87 -3.09
CA ALA F 147 23.25 -16.75 -2.14
C ALA F 147 23.06 -18.14 -2.71
N GLU F 148 23.07 -19.12 -1.82
CA GLU F 148 22.88 -20.50 -2.19
C GLU F 148 21.89 -21.09 -1.20
N ALA F 149 21.12 -22.08 -1.63
CA ALA F 149 20.13 -22.68 -0.74
C ALA F 149 19.59 -24.00 -1.26
N GLU F 150 18.92 -24.71 -0.36
CA GLU F 150 18.29 -25.98 -0.66
C GLU F 150 16.92 -25.93 -0.03
N LEU F 151 15.92 -26.45 -0.72
CA LEU F 151 14.58 -26.42 -0.18
C LEU F 151 13.68 -27.53 -0.73
N LYS F 152 12.63 -27.84 0.03
CA LYS F 152 11.68 -28.87 -0.37
C LYS F 152 10.29 -28.25 -0.26
N ALA F 153 9.57 -28.19 -1.37
CA ALA F 153 8.24 -27.61 -1.36
C ALA F 153 7.20 -28.63 -1.80
N MET F 154 5.95 -28.41 -1.40
CA MET F 154 4.87 -29.32 -1.76
C MET F 154 3.71 -28.63 -2.46
N ILE F 155 3.24 -29.26 -3.53
CA ILE F 155 2.11 -28.74 -4.30
C ILE F 155 0.86 -29.44 -3.75
N ALA F 156 -0.21 -28.68 -3.55
CA ALA F 156 -1.45 -29.25 -3.01
C ALA F 156 -2.71 -28.59 -3.61
N GLU F 157 -3.83 -29.31 -3.55
CA GLU F 157 -5.10 -28.80 -4.07
C GLU F 157 -5.62 -27.71 -3.15
N ARG F 158 -6.04 -26.59 -3.73
CA ARG F 158 -6.57 -25.44 -2.98
C ARG F 158 -7.62 -25.91 -1.96
CL CL G . 5.37 17.03 -10.99
C1 BEN H . -4.58 0.82 -35.43
C2 BEN H . -5.91 0.57 -35.10
C3 BEN H . -6.21 -0.18 -33.97
C4 BEN H . -5.18 -0.68 -33.17
C5 BEN H . -3.86 -0.42 -33.50
C6 BEN H . -3.57 0.33 -34.64
C BEN H . -4.29 1.56 -36.56
N1 BEN H . -3.03 1.92 -36.81
N2 BEN H . -5.27 1.90 -37.42
CL CL I . 0.98 3.48 -21.08
C1 BEN J . 15.84 17.77 -7.71
C2 BEN J . 17.09 17.17 -7.84
C3 BEN J . 18.15 17.60 -7.04
C4 BEN J . 17.96 18.63 -6.13
C5 BEN J . 16.72 19.23 -6.01
C6 BEN J . 15.66 18.80 -6.80
C BEN J . 14.77 17.33 -8.48
N1 BEN J . 13.56 17.85 -8.32
N2 BEN J . 14.96 16.37 -9.39
CAN 2BC K . 6.05 23.61 -8.93
CAY 2BC K . 5.32 23.82 -10.10
CAK 2BC K . 5.08 25.11 -10.54
CAH 2BC K . 4.34 25.32 -11.69
CAG 2BC K . 3.85 24.23 -12.40
CAJ 2BC K . 4.10 22.93 -11.97
CAX 2BC K . 4.85 22.73 -10.80
CAL 2BC K . 5.10 21.44 -10.36
CAI 2BC K . 5.83 21.23 -9.20
CAV 2BC K . 6.30 22.32 -8.47
CAQ 2BC K . 6.98 22.14 -7.12
OAA 2BC K . 6.91 23.04 -6.29
NAP 2BC K . 7.55 20.95 -6.90
NAO 2BC K . 8.15 20.72 -5.84
CAF 2BC K . 8.24 21.65 -4.91
CAU 2BC K . 8.88 21.42 -3.70
CAM 2BC K . 9.35 20.15 -3.38
CAR 2BC K . 9.87 19.91 -2.12
BRAD 2BC K . 10.62 18.23 -1.65
CAS 2BC K . 9.92 20.93 -1.17
OAB 2BC K . 10.36 20.67 0.09
CAW 2BC K . 9.47 22.20 -1.50
BRAE 2BC K . 9.65 23.59 -0.21
CAT 2BC K . 8.95 22.45 -2.76
OAC 2BC K . 8.54 23.71 -3.08
CL CL L . -8.73 6.51 18.57
C1 BEN M . -29.76 -21.01 10.25
C2 BEN M . -29.41 -22.19 9.60
C3 BEN M . -29.98 -22.52 8.37
C4 BEN M . -30.91 -21.65 7.80
C5 BEN M . -31.27 -20.48 8.44
C6 BEN M . -30.69 -20.16 9.67
C BEN M . -29.14 -20.67 11.45
N1 BEN M . -28.23 -21.47 11.99
N2 BEN M . -29.47 -19.53 12.05
CL CL N . -20.02 2.21 6.12
CL CL O . 4.49 -21.14 2.87
C1 BEN P . 11.90 -29.06 17.63
C2 BEN P . 12.68 -29.73 16.70
C3 BEN P . 13.99 -29.34 16.47
C4 BEN P . 14.53 -28.27 17.18
C5 BEN P . 13.75 -27.60 18.12
C6 BEN P . 12.44 -27.99 18.34
C BEN P . 10.56 -29.41 17.80
N1 BEN P . 9.92 -29.07 18.92
N2 BEN P . 9.91 -30.07 16.84
C1 BEN Q . 30.67 -7.07 22.79
C2 BEN Q . 30.60 -6.14 21.77
C3 BEN Q . 29.96 -4.93 21.97
C4 BEN Q . 29.38 -4.64 23.20
C5 BEN Q . 29.45 -5.57 24.23
C6 BEN Q . 30.10 -6.79 24.03
C BEN Q . 31.36 -8.27 22.60
N1 BEN Q . 31.09 -9.32 23.39
N2 BEN Q . 32.30 -8.37 21.67
C1 BEN R . 18.57 -26.39 16.73
C2 BEN R . 18.04 -26.46 15.45
C3 BEN R . 16.76 -25.98 15.19
C4 BEN R . 16.01 -25.44 16.21
C5 BEN R . 16.54 -25.36 17.50
C6 BEN R . 17.81 -25.84 17.76
C BEN R . 19.87 -26.84 16.98
N1 BEN R . 20.72 -26.99 15.97
N2 BEN R . 20.24 -27.14 18.22
C1 BEN S . 20.92 -23.61 24.32
C2 BEN S . 19.95 -24.40 23.73
C3 BEN S . 20.31 -25.43 22.86
C4 BEN S . 21.65 -25.64 22.57
C5 BEN S . 22.63 -24.85 23.15
C6 BEN S . 22.27 -23.83 24.02
C BEN S . 20.57 -22.60 25.20
N1 BEN S . 19.29 -22.25 25.35
N2 BEN S . 21.51 -21.99 25.94
CL CL T . 18.56 -9.95 5.00
#